data_7XSH
#
_entry.id   7XSH
#
_cell.length_a   72.393
_cell.length_b   121.583
_cell.length_c   166.372
_cell.angle_alpha   90.000
_cell.angle_beta   90.000
_cell.angle_gamma   90.000
#
_symmetry.space_group_name_H-M   'P 21 21 21'
#
loop_
_entity.id
_entity.type
_entity.pdbx_description
1 polymer Alpha-L-fucosidase
2 non-polymer beta-L-glucopyranose
3 non-polymer 'SODIUM ION'
4 non-polymer GLYCEROL
5 non-polymer 'CITRIC ACID'
6 non-polymer DI(HYDROXYETHYL)ETHER
7 water water
#
_entity_poly.entity_id   1
_entity_poly.type   'polypeptide(L)'
_entity_poly.pdbx_seq_one_letter_code
;MGSSHHHHHHSSGLVPRGSHMQENKEKDRTPSSKHLTDNILQPKRSSDFMAFKYEYSTVDLYREFSESIMDKARSEVEIL
ESVNRQGRYKPNVESLKLHEVPEWFEDAKLGIFLDWGPWSVPGYAPLKGAEASTGGSYPDWYEFLMDNLYKEYHDEVWGA
DFRRDDFLPLLTGENFNSEEYMLLAVNSGAKYFVPFTKHHAGWTMWESEFTKRNAVEMGPGRDIYKELIEAGKKYDMKMG
FYFSVSEWEYPVIVDQNLSQWDPVKNLAIFQDALGQIPRATPLASYFPALHDRMISGKIPVKDYFADYMIPSFKEAVDKY
DPDLVWYDGGWGSPVSISRTMETSAYFYNQAEGKKDVVINNRAGSSLSEDDLIKVRDLMDSGKRDEAMKIYLSGQQLGDY
GTPEFTIGDVDIQSKWEVCRSISPAFGYNWQDDEASSLSGEELIKLFVDIVANNGNLLLVISPDGSGKLPDIQKDRLLEL
GDWMKVNAESIHNTRPWKVQKENDKFFTKSKDGKSLFVHCTNWPGENLIINTPIEEGIKGIKLLGSDINLQFTKASNGNL
EIPIPKDFQNNPSLISKYVWTFKIDLN
;
_entity_poly.pdbx_strand_id   A,B
#
loop_
_chem_comp.id
_chem_comp.type
_chem_comp.name
_chem_comp.formula
CIT non-polymer 'CITRIC ACID' 'C6 H8 O7'
GOL non-polymer GLYCEROL 'C3 H8 O3'
NA non-polymer 'SODIUM ION' 'Na 1'
PEG non-polymer DI(HYDROXYETHYL)ETHER 'C4 H10 O3'
Z8T L-saccharide, beta linking beta-L-glucopyranose 'C6 H12 O6'
#
# COMPACT_ATOMS: atom_id res chain seq x y z
N LYS A 34 -30.90 -24.24 41.20
CA LYS A 34 -30.50 -22.82 40.99
C LYS A 34 -29.82 -22.66 39.62
N HIS A 35 -28.88 -23.54 39.28
CA HIS A 35 -28.16 -23.48 38.01
C HIS A 35 -28.19 -24.80 37.25
N LEU A 36 -28.31 -25.92 37.97
CA LEU A 36 -28.35 -27.23 37.35
C LEU A 36 -29.78 -27.51 36.93
N THR A 37 -29.96 -27.66 35.61
CA THR A 37 -31.26 -28.00 35.03
C THR A 37 -31.23 -29.48 34.66
N ASP A 38 -32.36 -30.01 34.19
CA ASP A 38 -32.35 -31.34 33.60
C ASP A 38 -32.51 -31.21 32.08
N ASN A 39 -32.28 -29.99 31.57
CA ASN A 39 -32.24 -29.73 30.14
C ASN A 39 -31.03 -30.44 29.53
N ILE A 40 -31.31 -31.27 28.51
CA ILE A 40 -30.30 -32.07 27.82
C ILE A 40 -29.27 -31.16 27.16
N LEU A 41 -29.68 -29.95 26.79
CA LEU A 41 -28.82 -29.00 26.09
C LEU A 41 -27.72 -28.44 26.99
N GLN A 42 -27.91 -28.52 28.33
CA GLN A 42 -26.97 -27.92 29.25
C GLN A 42 -25.81 -28.90 29.45
N PRO A 43 -24.56 -28.53 29.07
CA PRO A 43 -23.41 -29.36 29.38
C PRO A 43 -23.22 -29.43 30.89
N LYS A 44 -22.90 -30.63 31.40
CA LYS A 44 -22.77 -30.83 32.83
C LYS A 44 -21.83 -31.98 33.11
N ARG A 45 -21.41 -32.08 34.37
CA ARG A 45 -20.51 -33.11 34.84
C ARG A 45 -21.03 -34.50 34.42
N SER A 46 -20.13 -35.31 33.89
CA SER A 46 -20.41 -36.67 33.53
C SER A 46 -20.38 -37.54 34.78
N SER A 47 -21.21 -38.60 34.79
CA SER A 47 -21.22 -39.53 35.92
C SER A 47 -19.92 -40.32 35.99
N ASP A 48 -19.11 -40.34 34.94
CA ASP A 48 -17.86 -41.09 34.95
C ASP A 48 -16.65 -40.17 35.04
N PHE A 49 -16.84 -38.93 35.52
CA PHE A 49 -15.76 -37.96 35.63
C PHE A 49 -14.62 -38.50 36.50
N MET A 50 -13.39 -38.39 35.98
CA MET A 50 -12.17 -38.61 36.73
C MET A 50 -11.19 -37.49 36.38
N ALA A 51 -10.39 -37.06 37.35
CA ALA A 51 -9.47 -35.94 37.20
C ALA A 51 -8.54 -36.17 36.01
N PHE A 52 -8.33 -35.12 35.20
CA PHE A 52 -7.34 -35.12 34.15
C PHE A 52 -5.98 -34.76 34.74
N LYS A 53 -5.10 -35.77 34.86
CA LYS A 53 -3.73 -35.60 35.28
C LYS A 53 -2.86 -35.88 34.06
N TYR A 54 -2.44 -34.81 33.40
CA TYR A 54 -1.60 -34.92 32.23
C TYR A 54 -0.33 -35.70 32.58
N GLU A 55 0.16 -36.46 31.60
CA GLU A 55 1.38 -37.25 31.65
C GLU A 55 2.52 -36.50 32.36
N TYR A 56 2.65 -35.20 32.06
CA TYR A 56 3.68 -34.37 32.65
C TYR A 56 3.03 -33.36 33.59
N SER A 57 3.46 -33.36 34.86
CA SER A 57 3.14 -32.29 35.80
C SER A 57 3.92 -31.04 35.39
N THR A 58 3.58 -29.88 35.99
CA THR A 58 4.34 -28.66 35.75
C THR A 58 5.81 -28.86 36.12
N VAL A 59 6.09 -29.52 37.26
CA VAL A 59 7.46 -29.80 37.67
C VAL A 59 8.14 -30.75 36.69
N ASP A 60 7.43 -31.76 36.17
CA ASP A 60 8.00 -32.62 35.14
C ASP A 60 8.43 -31.82 33.92
N LEU A 61 7.60 -30.86 33.49
CA LEU A 61 7.92 -30.06 32.31
C LEU A 61 9.13 -29.18 32.58
N TYR A 62 9.21 -28.62 33.80
CA TYR A 62 10.38 -27.87 34.23
C TYR A 62 11.66 -28.73 34.10
N ARG A 63 11.61 -29.96 34.63
CA ARG A 63 12.79 -30.81 34.67
C ARG A 63 13.16 -31.33 33.28
N GLU A 64 12.16 -31.65 32.45
CA GLU A 64 12.39 -32.37 31.21
C GLU A 64 12.45 -31.45 29.99
N PHE A 65 11.77 -30.28 30.00
CA PHE A 65 11.57 -29.52 28.76
C PHE A 65 12.02 -28.06 28.84
N SER A 66 12.07 -27.44 30.03
CA SER A 66 12.33 -26.00 30.13
C SER A 66 13.64 -25.57 29.46
N GLU A 67 14.74 -26.30 29.74
CA GLU A 67 16.03 -25.88 29.21
C GLU A 67 16.01 -25.96 27.68
N SER A 68 15.43 -27.05 27.17
CA SER A 68 15.35 -27.30 25.74
C SER A 68 14.58 -26.18 25.03
N ILE A 69 13.42 -25.83 25.59
CA ILE A 69 12.54 -24.79 25.05
C ILE A 69 13.23 -23.43 25.08
N MET A 70 13.93 -23.11 26.16
CA MET A 70 14.58 -21.82 26.28
C MET A 70 15.74 -21.73 25.31
N ASP A 71 16.44 -22.86 25.11
CA ASP A 71 17.51 -22.92 24.11
C ASP A 71 16.96 -22.60 22.72
N LYS A 72 15.85 -23.26 22.35
CA LYS A 72 15.22 -23.12 21.04
C LYS A 72 14.71 -21.68 20.88
N ALA A 73 14.09 -21.16 21.95
CA ALA A 73 13.57 -19.80 21.95
C ALA A 73 14.68 -18.80 21.66
N ARG A 74 15.85 -18.95 22.33
CA ARG A 74 16.90 -17.96 22.17
C ARG A 74 17.33 -17.91 20.70
N SER A 75 17.42 -19.07 20.06
CA SER A 75 17.83 -19.15 18.66
C SER A 75 16.79 -18.49 17.74
N GLU A 76 15.50 -18.78 18.00
CA GLU A 76 14.41 -18.22 17.21
C GLU A 76 14.32 -16.69 17.40
N VAL A 77 14.50 -16.19 18.62
CA VAL A 77 14.45 -14.75 18.87
C VAL A 77 15.62 -14.06 18.17
N GLU A 78 16.81 -14.69 18.18
CA GLU A 78 17.95 -14.13 17.46
C GLU A 78 17.62 -14.01 15.96
N ILE A 79 17.01 -15.04 15.37
CA ILE A 79 16.62 -14.99 13.97
C ILE A 79 15.62 -13.86 13.71
N LEU A 80 14.59 -13.76 14.57
CA LEU A 80 13.57 -12.73 14.40
C LEU A 80 14.20 -11.33 14.50
N GLU A 81 15.10 -11.13 15.47
CA GLU A 81 15.72 -9.83 15.63
C GLU A 81 16.61 -9.50 14.45
N SER A 82 17.23 -10.51 13.84
CA SER A 82 18.06 -10.29 12.67
C SER A 82 17.21 -9.91 11.47
N VAL A 83 16.07 -10.60 11.29
CA VAL A 83 15.13 -10.27 10.23
C VAL A 83 14.72 -8.80 10.36
N ASN A 84 14.41 -8.36 11.58
CA ASN A 84 13.96 -6.99 11.79
C ASN A 84 15.11 -5.99 11.56
N ARG A 85 16.33 -6.34 11.95
CA ARG A 85 17.47 -5.43 11.73
C ARG A 85 17.73 -5.21 10.24
N GLN A 86 17.50 -6.24 9.41
CA GLN A 86 17.72 -6.17 7.98
C GLN A 86 16.47 -5.74 7.20
N GLY A 87 15.31 -5.73 7.86
CA GLY A 87 14.05 -5.57 7.15
C GLY A 87 13.58 -4.12 7.08
N ARG A 88 12.52 -3.92 6.29
CA ARG A 88 11.95 -2.59 6.08
C ARG A 88 11.38 -2.08 7.41
N TYR A 89 10.69 -2.96 8.14
CA TYR A 89 9.99 -2.57 9.36
C TYR A 89 10.85 -2.84 10.59
N LYS A 90 10.96 -1.80 11.39
CA LYS A 90 11.64 -1.84 12.68
C LYS A 90 10.60 -1.83 13.79
N PRO A 91 10.95 -2.39 14.96
CA PRO A 91 10.02 -2.44 16.10
C PRO A 91 9.87 -1.12 16.85
N ASN A 92 9.27 -0.13 16.16
CA ASN A 92 8.94 1.13 16.78
C ASN A 92 7.70 1.69 16.10
N VAL A 93 7.01 2.60 16.81
CA VAL A 93 5.69 3.06 16.37
C VAL A 93 5.79 3.72 15.00
N GLU A 94 6.82 4.56 14.79
CA GLU A 94 6.87 5.35 13.56
C GLU A 94 7.16 4.47 12.34
N SER A 95 8.01 3.44 12.49
CA SER A 95 8.26 2.50 11.40
C SER A 95 7.01 1.72 11.04
N LEU A 96 6.34 1.16 12.06
CA LEU A 96 5.20 0.29 11.80
C LEU A 96 4.02 1.07 11.23
N LYS A 97 3.91 2.33 11.60
CA LYS A 97 2.85 3.21 11.12
C LYS A 97 2.85 3.33 9.60
N LEU A 98 4.01 3.16 8.94
CA LEU A 98 4.09 3.30 7.49
C LEU A 98 3.40 2.14 6.77
N HIS A 99 3.19 1.03 7.46
CA HIS A 99 2.48 -0.08 6.86
C HIS A 99 1.03 0.35 6.62
N GLU A 100 0.46 -0.05 5.47
CA GLU A 100 -0.89 0.37 5.11
C GLU A 100 -1.85 -0.81 5.15
N VAL A 101 -3.13 -0.51 5.40
CA VAL A 101 -4.20 -1.49 5.29
C VAL A 101 -4.21 -2.05 3.87
N PRO A 102 -4.16 -3.38 3.67
CA PRO A 102 -4.18 -3.94 2.32
C PRO A 102 -5.53 -3.73 1.67
N GLU A 103 -5.50 -3.62 0.33
CA GLU A 103 -6.71 -3.51 -0.46
C GLU A 103 -7.70 -4.61 -0.09
N TRP A 104 -7.23 -5.84 0.11
CA TRP A 104 -8.14 -6.97 0.29
C TRP A 104 -8.96 -6.77 1.56
N PHE A 105 -8.38 -6.11 2.58
CA PHE A 105 -9.03 -5.94 3.87
C PHE A 105 -10.04 -4.79 3.81
N GLU A 106 -9.74 -3.72 3.08
CA GLU A 106 -10.71 -2.68 2.79
C GLU A 106 -11.93 -3.28 2.07
N ASP A 107 -11.65 -4.20 1.15
CA ASP A 107 -12.63 -4.76 0.23
C ASP A 107 -13.46 -5.88 0.86
N ALA A 108 -12.97 -6.51 1.95
CA ALA A 108 -13.49 -7.79 2.41
C ALA A 108 -14.88 -7.65 3.03
N LYS A 109 -15.02 -6.68 3.94
CA LYS A 109 -16.26 -6.30 4.61
C LYS A 109 -16.74 -7.31 5.64
N LEU A 110 -16.60 -8.62 5.39
CA LEU A 110 -17.09 -9.65 6.27
C LEU A 110 -16.02 -10.71 6.51
N GLY A 111 -15.77 -10.98 7.80
CA GLY A 111 -14.92 -12.08 8.22
C GLY A 111 -15.68 -12.98 9.18
N ILE A 112 -15.20 -14.22 9.33
CA ILE A 112 -15.74 -15.15 10.31
C ILE A 112 -14.71 -15.36 11.42
N PHE A 113 -15.17 -15.27 12.67
CA PHE A 113 -14.33 -15.34 13.85
C PHE A 113 -14.71 -16.61 14.61
N LEU A 114 -13.88 -17.65 14.51
CA LEU A 114 -14.24 -18.94 15.06
C LEU A 114 -13.82 -18.99 16.53
N ASP A 115 -14.80 -18.77 17.42
CA ASP A 115 -14.59 -18.75 18.85
C ASP A 115 -14.87 -20.16 19.39
N TRP A 116 -13.82 -20.96 19.44
CA TRP A 116 -13.87 -22.36 19.85
C TRP A 116 -12.63 -22.65 20.70
N GLY A 117 -12.87 -23.29 21.85
CA GLY A 117 -11.78 -23.65 22.74
C GLY A 117 -12.32 -24.42 23.95
N PRO A 118 -11.51 -24.69 24.99
CA PRO A 118 -11.97 -25.47 26.13
C PRO A 118 -13.25 -24.92 26.78
N TRP A 119 -13.44 -23.59 26.75
CA TRP A 119 -14.61 -22.90 27.28
C TRP A 119 -15.90 -23.32 26.58
N SER A 120 -15.76 -23.84 25.35
CA SER A 120 -16.90 -24.26 24.56
C SER A 120 -17.61 -25.46 25.21
N VAL A 121 -16.89 -26.22 26.02
CA VAL A 121 -17.44 -27.39 26.70
C VAL A 121 -18.55 -26.94 27.66
N PRO A 122 -18.29 -26.10 28.69
CA PRO A 122 -19.38 -25.69 29.61
C PRO A 122 -20.40 -24.77 28.93
N GLY A 123 -19.96 -23.97 27.95
CA GLY A 123 -20.85 -23.19 27.13
C GLY A 123 -21.79 -22.28 27.91
N TYR A 124 -21.23 -21.51 28.87
CA TYR A 124 -22.07 -20.75 29.77
C TYR A 124 -21.57 -19.32 30.02
N ALA A 125 -22.52 -18.40 29.92
CA ALA A 125 -22.49 -17.14 30.65
C ALA A 125 -23.94 -16.82 31.02
N PRO A 126 -24.19 -15.96 32.01
CA PRO A 126 -25.56 -15.49 32.25
C PRO A 126 -26.15 -14.85 30.99
N LEU A 127 -27.43 -15.16 30.69
CA LEU A 127 -28.12 -14.50 29.59
C LEU A 127 -28.14 -12.98 29.78
N LYS A 128 -28.30 -12.54 31.03
CA LYS A 128 -28.24 -11.12 31.35
C LYS A 128 -27.47 -10.93 32.66
N GLY A 129 -26.84 -9.75 32.83
CA GLY A 129 -26.34 -9.33 34.13
C GLY A 129 -24.83 -9.50 34.31
N ALA A 130 -24.11 -10.16 33.38
CA ALA A 130 -22.67 -10.33 33.50
C ALA A 130 -21.93 -9.72 32.29
N GLU A 131 -22.53 -8.66 31.71
CA GLU A 131 -21.94 -7.98 30.56
C GLU A 131 -20.66 -7.27 31.00
N ALA A 132 -19.65 -7.33 30.14
CA ALA A 132 -18.47 -6.50 30.29
C ALA A 132 -18.76 -5.09 29.79
N SER A 133 -17.78 -4.19 29.85
CA SER A 133 -17.96 -2.79 29.47
C SER A 133 -18.23 -2.64 27.97
N THR A 134 -17.91 -3.68 27.18
CA THR A 134 -18.21 -3.71 25.75
C THR A 134 -19.73 -3.86 25.47
N GLY A 135 -20.46 -4.43 26.44
CA GLY A 135 -21.86 -4.78 26.28
C GLY A 135 -22.06 -6.26 25.94
N GLY A 136 -20.97 -6.96 25.61
CA GLY A 136 -21.03 -8.38 25.37
C GLY A 136 -21.04 -9.19 26.67
N SER A 137 -21.33 -10.48 26.52
CA SER A 137 -21.09 -11.45 27.57
C SER A 137 -20.05 -12.44 27.08
N TYR A 138 -19.41 -13.15 28.00
CA TYR A 138 -18.20 -13.89 27.69
C TYR A 138 -18.24 -15.29 28.26
N PRO A 139 -18.98 -16.22 27.63
CA PRO A 139 -18.74 -17.63 27.88
C PRO A 139 -17.27 -18.00 27.68
N ASP A 140 -16.57 -17.30 26.77
CA ASP A 140 -15.18 -17.65 26.48
C ASP A 140 -14.23 -17.18 27.58
N TRP A 141 -14.75 -16.56 28.67
CA TRP A 141 -13.95 -16.28 29.86
C TRP A 141 -14.22 -17.28 30.97
N TYR A 142 -14.99 -18.35 30.69
CA TYR A 142 -15.36 -19.33 31.70
C TYR A 142 -14.14 -19.90 32.43
N GLU A 143 -13.03 -20.21 31.73
CA GLU A 143 -11.89 -20.84 32.38
C GLU A 143 -11.32 -20.00 33.52
N PHE A 144 -11.49 -18.68 33.43
CA PHE A 144 -11.03 -17.73 34.45
C PHE A 144 -12.15 -17.43 35.45
N LEU A 145 -13.36 -17.15 34.95
CA LEU A 145 -14.48 -16.71 35.77
C LEU A 145 -15.13 -17.86 36.57
N MET A 146 -14.81 -19.13 36.26
CA MET A 146 -15.32 -20.26 37.01
C MET A 146 -14.87 -20.21 38.49
N ASP A 147 -13.80 -19.45 38.77
CA ASP A 147 -13.23 -19.33 40.10
C ASP A 147 -13.83 -18.15 40.88
N ASN A 148 -14.66 -17.30 40.27
CA ASN A 148 -15.13 -16.08 40.88
C ASN A 148 -16.56 -15.78 40.43
N LEU A 149 -16.74 -15.10 39.30
CA LEU A 149 -18.04 -14.61 38.88
C LEU A 149 -19.00 -15.76 38.58
N TYR A 150 -18.52 -16.85 37.97
CA TYR A 150 -19.36 -17.99 37.60
C TYR A 150 -19.19 -19.16 38.58
N LYS A 151 -18.64 -18.92 39.80
CA LYS A 151 -18.27 -20.02 40.69
C LYS A 151 -19.49 -20.79 41.18
N GLU A 152 -20.61 -20.12 41.43
CA GLU A 152 -21.82 -20.77 41.90
C GLU A 152 -22.35 -21.72 40.82
N TYR A 153 -22.41 -21.24 39.58
CA TYR A 153 -22.78 -22.09 38.46
C TYR A 153 -21.82 -23.27 38.37
N HIS A 154 -20.52 -23.01 38.35
CA HIS A 154 -19.56 -24.08 38.17
C HIS A 154 -19.73 -25.14 39.26
N ASP A 155 -19.82 -24.70 40.53
CA ASP A 155 -19.87 -25.62 41.65
C ASP A 155 -21.10 -26.52 41.58
N GLU A 156 -22.22 -26.01 41.05
CA GLU A 156 -23.48 -26.73 41.02
C GLU A 156 -23.56 -27.65 39.80
N VAL A 157 -22.95 -27.24 38.69
CA VAL A 157 -23.15 -27.90 37.40
C VAL A 157 -22.00 -28.85 37.08
N TRP A 158 -20.78 -28.47 37.48
CA TRP A 158 -19.57 -29.22 37.19
C TRP A 158 -18.97 -29.83 38.44
N GLY A 159 -18.97 -29.05 39.54
CA GLY A 159 -18.42 -29.49 40.81
C GLY A 159 -17.15 -28.73 41.18
N ALA A 160 -17.00 -28.41 42.46
CA ALA A 160 -15.82 -27.70 42.96
C ALA A 160 -14.52 -28.45 42.70
N ASP A 161 -14.62 -29.80 42.56
CA ASP A 161 -13.46 -30.62 42.35
C ASP A 161 -13.08 -30.69 40.87
N PHE A 162 -13.93 -30.11 40.01
CA PHE A 162 -13.73 -30.11 38.57
C PHE A 162 -12.94 -28.85 38.24
N ARG A 163 -11.69 -29.04 37.77
N ARG A 163 -11.70 -29.04 37.76
CA ARG A 163 -10.78 -27.94 37.54
CA ARG A 163 -10.78 -27.94 37.53
C ARG A 163 -10.84 -27.48 36.08
C ARG A 163 -10.84 -27.48 36.08
N ARG A 164 -10.25 -26.32 35.82
CA ARG A 164 -10.19 -25.76 34.47
C ARG A 164 -9.76 -26.81 33.44
N ASP A 165 -8.67 -27.52 33.72
CA ASP A 165 -8.08 -28.43 32.75
C ASP A 165 -8.91 -29.69 32.51
N ASP A 166 -9.91 -29.95 33.37
CA ASP A 166 -10.81 -31.09 33.16
C ASP A 166 -11.72 -30.85 31.94
N PHE A 167 -11.78 -29.62 31.44
CA PHE A 167 -12.51 -29.35 30.22
C PHE A 167 -11.72 -29.81 28.97
N LEU A 168 -10.40 -29.93 29.06
CA LEU A 168 -9.59 -30.19 27.87
C LEU A 168 -9.95 -31.55 27.24
N PRO A 169 -10.04 -32.68 27.98
CA PRO A 169 -10.41 -33.95 27.35
C PRO A 169 -11.82 -33.98 26.76
N LEU A 170 -12.69 -33.08 27.22
CA LEU A 170 -14.06 -33.00 26.73
C LEU A 170 -14.17 -32.18 25.44
N LEU A 171 -13.08 -31.49 25.04
CA LEU A 171 -13.08 -30.73 23.80
C LEU A 171 -12.74 -31.69 22.66
N THR A 172 -13.71 -32.53 22.28
CA THR A 172 -13.44 -33.71 21.47
C THR A 172 -13.23 -33.36 20.00
N GLY A 173 -13.93 -32.34 19.51
CA GLY A 173 -13.91 -31.98 18.10
C GLY A 173 -14.51 -33.08 17.20
N GLU A 174 -15.26 -34.03 17.77
CA GLU A 174 -15.78 -35.15 16.98
C GLU A 174 -16.76 -34.63 15.92
N ASN A 175 -17.39 -33.46 16.13
CA ASN A 175 -18.28 -32.88 15.15
C ASN A 175 -17.67 -31.66 14.45
N PHE A 176 -16.35 -31.47 14.59
CA PHE A 176 -15.66 -30.33 14.01
C PHE A 176 -15.05 -30.74 12.67
N ASN A 177 -15.62 -30.20 11.60
CA ASN A 177 -15.12 -30.42 10.25
C ASN A 177 -14.61 -29.10 9.68
N SER A 178 -13.28 -29.00 9.51
CA SER A 178 -12.64 -27.74 9.17
C SER A 178 -13.06 -27.27 7.76
N GLU A 179 -13.14 -28.20 6.81
CA GLU A 179 -13.56 -27.84 5.47
C GLU A 179 -14.99 -27.33 5.45
N GLU A 180 -15.89 -27.97 6.23
CA GLU A 180 -17.27 -27.53 6.31
C GLU A 180 -17.35 -26.12 6.89
N TYR A 181 -16.54 -25.83 7.94
CA TYR A 181 -16.53 -24.48 8.50
C TYR A 181 -16.08 -23.48 7.45
N MET A 182 -15.04 -23.83 6.67
CA MET A 182 -14.52 -22.91 5.68
C MET A 182 -15.56 -22.67 4.57
N LEU A 183 -16.24 -23.73 4.13
CA LEU A 183 -17.28 -23.61 3.11
C LEU A 183 -18.47 -22.80 3.61
N LEU A 184 -18.84 -22.97 4.90
CA LEU A 184 -19.89 -22.16 5.49
C LEU A 184 -19.52 -20.68 5.44
N ALA A 185 -18.26 -20.37 5.78
CA ALA A 185 -17.75 -19.01 5.72
C ALA A 185 -17.80 -18.49 4.28
N VAL A 186 -17.31 -19.30 3.32
CA VAL A 186 -17.35 -18.91 1.91
C VAL A 186 -18.78 -18.61 1.50
N ASN A 187 -19.69 -19.54 1.80
CA ASN A 187 -21.09 -19.44 1.38
C ASN A 187 -21.79 -18.23 2.03
N SER A 188 -21.29 -17.75 3.18
CA SER A 188 -21.87 -16.60 3.85
C SER A 188 -21.49 -15.27 3.19
N GLY A 189 -20.48 -15.28 2.32
CA GLY A 189 -20.00 -14.05 1.73
C GLY A 189 -18.74 -13.49 2.43
N ALA A 190 -18.20 -14.24 3.40
CA ALA A 190 -17.02 -13.82 4.13
C ALA A 190 -15.80 -13.94 3.23
N LYS A 191 -14.82 -13.07 3.50
CA LYS A 191 -13.60 -13.01 2.69
C LYS A 191 -12.35 -13.25 3.55
N TYR A 192 -12.55 -13.36 4.89
CA TYR A 192 -11.48 -13.83 5.76
C TYR A 192 -12.03 -14.64 6.93
N PHE A 193 -11.16 -15.49 7.48
CA PHE A 193 -11.53 -16.46 8.50
C PHE A 193 -10.45 -16.44 9.57
N VAL A 194 -10.86 -16.10 10.82
CA VAL A 194 -9.94 -15.92 11.93
C VAL A 194 -10.33 -16.93 13.02
N PRO A 195 -9.59 -18.03 13.16
CA PRO A 195 -9.83 -18.98 14.23
C PRO A 195 -9.21 -18.40 15.51
N PHE A 196 -9.80 -18.72 16.67
CA PHE A 196 -9.19 -18.38 17.96
C PHE A 196 -7.99 -19.28 18.21
N THR A 197 -6.86 -18.98 17.53
CA THR A 197 -5.74 -19.89 17.54
C THR A 197 -5.12 -20.07 18.92
N LYS A 198 -5.10 -19.01 19.74
CA LYS A 198 -4.64 -19.12 21.12
C LYS A 198 -5.25 -18.00 21.97
N HIS A 199 -6.14 -18.42 22.88
CA HIS A 199 -6.82 -17.50 23.77
C HIS A 199 -6.08 -17.42 25.11
N HIS A 200 -6.74 -16.83 26.13
CA HIS A 200 -6.05 -16.33 27.32
C HIS A 200 -5.50 -17.43 28.23
N ALA A 201 -6.04 -18.65 28.17
CA ALA A 201 -5.50 -19.74 28.97
C ALA A 201 -4.39 -20.49 28.24
N GLY A 202 -4.10 -20.14 26.97
CA GLY A 202 -2.88 -20.60 26.33
C GLY A 202 -3.02 -21.92 25.56
N TRP A 203 -4.23 -22.49 25.41
CA TRP A 203 -4.37 -23.67 24.55
C TRP A 203 -4.19 -23.26 23.07
N THR A 204 -3.25 -23.91 22.37
CA THR A 204 -3.00 -23.56 20.97
C THR A 204 -3.78 -24.51 20.05
N MET A 205 -4.47 -23.93 19.06
CA MET A 205 -5.14 -24.70 18.02
C MET A 205 -4.15 -25.41 17.10
N TRP A 206 -2.89 -24.94 17.10
CA TRP A 206 -1.84 -25.53 16.26
C TRP A 206 -0.94 -26.41 17.13
N GLU A 207 -0.27 -27.33 16.47
CA GLU A 207 0.70 -28.19 17.12
C GLU A 207 1.99 -27.40 17.30
N SER A 208 2.23 -26.92 18.51
CA SER A 208 3.36 -26.07 18.84
C SER A 208 4.46 -26.89 19.51
N GLU A 209 5.72 -26.54 19.20
CA GLU A 209 6.87 -27.10 19.90
C GLU A 209 7.11 -26.39 21.24
N PHE A 210 6.38 -25.30 21.52
CA PHE A 210 6.68 -24.46 22.69
C PHE A 210 5.70 -24.69 23.84
N THR A 211 4.67 -25.51 23.60
CA THR A 211 3.72 -25.88 24.64
C THR A 211 3.13 -27.26 24.35
N LYS A 212 2.84 -28.02 25.41
CA LYS A 212 2.09 -29.26 25.25
C LYS A 212 0.59 -28.99 25.44
N ARG A 213 0.22 -27.74 25.78
CA ARG A 213 -1.18 -27.35 25.84
C ARG A 213 -1.65 -26.99 24.43
N ASN A 214 -1.74 -28.02 23.58
CA ASN A 214 -2.07 -27.82 22.18
C ASN A 214 -3.09 -28.87 21.74
N ALA A 215 -3.69 -28.61 20.59
CA ALA A 215 -4.85 -29.33 20.08
C ALA A 215 -4.53 -30.78 19.74
N VAL A 216 -3.24 -31.09 19.51
CA VAL A 216 -2.84 -32.46 19.23
C VAL A 216 -2.70 -33.25 20.52
N GLU A 217 -2.09 -32.66 21.56
CA GLU A 217 -1.87 -33.33 22.83
C GLU A 217 -3.14 -33.37 23.71
N MET A 218 -4.01 -32.36 23.54
CA MET A 218 -5.11 -32.15 24.48
C MET A 218 -6.35 -31.69 23.72
N GLY A 219 -7.45 -32.43 23.90
CA GLY A 219 -8.70 -32.09 23.27
C GLY A 219 -8.94 -32.95 22.02
N PRO A 220 -8.99 -32.35 20.82
CA PRO A 220 -9.37 -33.08 19.62
C PRO A 220 -8.33 -34.04 19.02
N GLY A 221 -7.06 -33.90 19.42
CA GLY A 221 -5.98 -34.76 18.95
C GLY A 221 -5.64 -34.50 17.48
N ARG A 222 -5.80 -33.25 17.05
CA ARG A 222 -5.60 -32.84 15.66
C ARG A 222 -4.95 -31.46 15.67
N ASP A 223 -4.19 -31.17 14.61
CA ASP A 223 -3.74 -29.81 14.38
C ASP A 223 -4.87 -29.06 13.69
N ILE A 224 -5.76 -28.48 14.50
CA ILE A 224 -6.98 -27.86 14.01
C ILE A 224 -6.62 -26.65 13.14
N TYR A 225 -5.61 -25.89 13.56
CA TYR A 225 -5.24 -24.72 12.78
C TYR A 225 -4.74 -25.14 11.39
N LYS A 226 -3.88 -26.18 11.34
CA LYS A 226 -3.40 -26.70 10.08
C LYS A 226 -4.57 -27.06 9.17
N GLU A 227 -5.57 -27.77 9.70
CA GLU A 227 -6.74 -28.16 8.91
C GLU A 227 -7.45 -26.93 8.36
N LEU A 228 -7.63 -25.88 9.17
CA LEU A 228 -8.32 -24.68 8.74
C LEU A 228 -7.49 -23.89 7.71
N ILE A 229 -6.17 -23.84 7.93
CA ILE A 229 -5.27 -23.17 7.01
C ILE A 229 -5.31 -23.85 5.63
N GLU A 230 -5.27 -25.19 5.64
CA GLU A 230 -5.28 -25.93 4.39
C GLU A 230 -6.62 -25.73 3.67
N ALA A 231 -7.72 -25.70 4.45
CA ALA A 231 -9.04 -25.48 3.87
C ALA A 231 -9.10 -24.08 3.29
N GLY A 232 -8.59 -23.07 4.02
CA GLY A 232 -8.61 -21.72 3.53
C GLY A 232 -7.83 -21.56 2.21
N LYS A 233 -6.70 -22.25 2.08
CA LYS A 233 -5.93 -22.19 0.84
C LYS A 233 -6.75 -22.76 -0.32
N LYS A 234 -7.38 -23.92 -0.10
CA LYS A 234 -8.18 -24.58 -1.12
C LYS A 234 -9.35 -23.69 -1.56
N TYR A 235 -9.93 -22.89 -0.64
CA TYR A 235 -11.09 -22.05 -0.96
C TYR A 235 -10.73 -20.59 -1.20
N ASP A 236 -9.43 -20.26 -1.27
CA ASP A 236 -8.97 -18.91 -1.56
C ASP A 236 -9.52 -17.92 -0.54
N MET A 237 -9.40 -18.30 0.74
CA MET A 237 -9.91 -17.49 1.84
C MET A 237 -8.70 -16.94 2.61
N LYS A 238 -8.70 -15.65 2.89
CA LYS A 238 -7.68 -15.02 3.73
C LYS A 238 -7.81 -15.57 5.15
N MET A 239 -6.69 -15.88 5.78
CA MET A 239 -6.68 -16.58 7.06
C MET A 239 -6.03 -15.71 8.13
N GLY A 240 -6.70 -15.64 9.28
CA GLY A 240 -6.17 -14.89 10.41
C GLY A 240 -5.45 -15.79 11.40
N PHE A 241 -4.70 -15.13 12.28
CA PHE A 241 -4.01 -15.74 13.41
C PHE A 241 -4.35 -14.91 14.64
N TYR A 242 -5.30 -15.44 15.44
CA TYR A 242 -5.70 -14.81 16.69
C TYR A 242 -4.71 -15.24 17.77
N PHE A 243 -4.18 -14.26 18.52
CA PHE A 243 -3.08 -14.54 19.43
C PHE A 243 -3.15 -13.67 20.67
N SER A 244 -3.48 -14.31 21.81
CA SER A 244 -3.45 -13.64 23.10
C SER A 244 -1.99 -13.41 23.52
N VAL A 245 -1.61 -12.13 23.65
CA VAL A 245 -0.22 -11.75 23.94
C VAL A 245 0.18 -12.30 25.30
N SER A 246 -0.65 -11.97 26.31
CA SER A 246 -0.49 -12.48 27.67
C SER A 246 -1.43 -13.67 27.85
N GLU A 247 -1.15 -14.43 28.92
CA GLU A 247 -2.02 -15.50 29.40
C GLU A 247 -2.36 -15.21 30.85
N TRP A 248 -3.46 -15.80 31.34
CA TRP A 248 -3.90 -15.48 32.69
C TRP A 248 -2.87 -15.91 33.74
N GLU A 249 -2.26 -17.08 33.53
CA GLU A 249 -1.24 -17.61 34.43
C GLU A 249 -0.19 -18.35 33.60
N TYR A 250 1.07 -18.19 33.99
CA TYR A 250 2.12 -18.92 33.30
C TYR A 250 3.22 -19.28 34.29
N PRO A 251 3.64 -20.56 34.36
CA PRO A 251 4.70 -20.95 35.29
C PRO A 251 6.05 -20.43 34.85
N VAL A 252 6.75 -19.73 35.74
CA VAL A 252 8.05 -19.16 35.39
C VAL A 252 9.11 -19.59 36.39
N ILE A 253 10.35 -19.53 35.92
CA ILE A 253 11.51 -19.95 36.67
C ILE A 253 12.12 -18.69 37.29
N VAL A 254 12.35 -18.73 38.61
CA VAL A 254 12.80 -17.57 39.37
C VAL A 254 14.00 -17.94 40.22
N ASP A 255 14.88 -16.96 40.46
CA ASP A 255 16.07 -17.13 41.28
C ASP A 255 15.69 -17.35 42.74
N GLN A 256 14.81 -16.49 43.26
CA GLN A 256 14.38 -16.55 44.66
C GLN A 256 12.87 -16.77 44.72
N ASN A 257 12.45 -17.55 45.71
CA ASN A 257 11.04 -17.84 45.94
C ASN A 257 10.39 -16.62 46.58
N LEU A 258 9.07 -16.65 46.67
CA LEU A 258 8.28 -15.45 46.93
C LEU A 258 7.78 -15.42 48.38
N SER A 259 7.83 -16.55 49.09
CA SER A 259 7.32 -16.61 50.44
C SER A 259 7.91 -17.82 51.14
N GLN A 260 7.79 -17.82 52.46
CA GLN A 260 8.24 -18.93 53.28
C GLN A 260 7.34 -20.15 53.08
N TRP A 261 6.18 -19.99 52.42
CA TRP A 261 5.21 -21.05 52.25
C TRP A 261 5.43 -21.81 50.93
N ASP A 262 6.23 -21.24 50.02
CA ASP A 262 6.39 -21.81 48.69
C ASP A 262 6.90 -23.24 48.77
N PRO A 263 6.19 -24.21 48.18
CA PRO A 263 6.61 -25.61 48.26
C PRO A 263 7.66 -26.03 47.23
N VAL A 264 7.80 -25.26 46.13
CA VAL A 264 8.62 -25.71 45.02
C VAL A 264 9.66 -24.64 44.70
N LYS A 265 10.93 -25.00 44.89
CA LYS A 265 12.03 -24.08 44.66
C LYS A 265 12.08 -23.67 43.19
N ASN A 266 12.23 -22.37 42.98
CA ASN A 266 12.57 -21.75 41.69
C ASN A 266 11.40 -21.70 40.71
N LEU A 267 10.18 -22.05 41.11
CA LEU A 267 9.01 -21.84 40.26
C LEU A 267 8.03 -20.87 40.92
N ALA A 268 7.43 -20.03 40.07
CA ALA A 268 6.40 -19.09 40.47
C ALA A 268 5.41 -18.98 39.31
N ILE A 269 4.36 -18.16 39.50
CA ILE A 269 3.33 -17.94 38.50
C ILE A 269 3.38 -16.48 38.06
N PHE A 270 3.65 -16.25 36.76
CA PHE A 270 3.58 -14.91 36.19
C PHE A 270 2.15 -14.53 35.90
N GLN A 271 1.79 -13.31 36.35
CA GLN A 271 0.49 -12.71 36.16
C GLN A 271 0.70 -11.24 35.86
N ASP A 272 -0.05 -10.70 34.89
CA ASP A 272 -0.03 -9.28 34.57
C ASP A 272 -1.46 -8.75 34.68
N ALA A 273 -1.80 -7.70 33.92
CA ALA A 273 -3.10 -7.06 34.04
C ALA A 273 -4.19 -7.79 33.23
N LEU A 274 -3.85 -8.92 32.61
CA LEU A 274 -4.76 -9.56 31.65
C LEU A 274 -6.10 -9.88 32.30
N GLY A 275 -6.08 -10.37 33.55
CA GLY A 275 -7.28 -10.84 34.22
C GLY A 275 -8.29 -9.74 34.56
N GLN A 276 -7.83 -8.49 34.54
CA GLN A 276 -8.66 -7.29 34.72
C GLN A 276 -8.95 -7.08 36.22
N ILE A 277 -9.29 -8.13 36.94
CA ILE A 277 -9.45 -8.01 38.38
C ILE A 277 -8.08 -7.82 39.03
N PRO A 278 -8.00 -7.15 40.20
CA PRO A 278 -6.73 -7.07 40.92
C PRO A 278 -6.18 -8.46 41.27
N ARG A 279 -4.88 -8.63 41.04
CA ARG A 279 -4.20 -9.88 41.34
C ARG A 279 -2.78 -9.57 41.80
N ALA A 280 -2.08 -10.60 42.31
CA ALA A 280 -0.66 -10.47 42.58
C ALA A 280 0.06 -10.30 41.24
N THR A 281 0.87 -9.26 41.11
CA THR A 281 1.65 -9.04 39.90
C THR A 281 3.01 -8.49 40.31
N PRO A 282 4.11 -8.80 39.61
CA PRO A 282 4.12 -9.73 38.45
C PRO A 282 4.12 -11.22 38.77
N LEU A 283 4.33 -11.58 40.05
CA LEU A 283 4.47 -12.98 40.43
C LEU A 283 3.56 -13.35 41.59
N ALA A 284 2.93 -14.52 41.45
CA ALA A 284 2.24 -15.19 42.53
C ALA A 284 3.06 -16.41 42.92
N SER A 285 2.89 -16.82 44.18
CA SER A 285 3.49 -18.07 44.64
C SER A 285 2.84 -19.24 43.91
N TYR A 286 3.67 -20.21 43.48
CA TYR A 286 3.25 -21.42 42.79
C TYR A 286 2.98 -22.54 43.79
N PHE A 287 1.78 -23.09 43.72
CA PHE A 287 1.34 -24.20 44.55
C PHE A 287 0.77 -25.28 43.64
N PRO A 288 1.45 -26.44 43.48
CA PRO A 288 0.97 -27.45 42.54
C PRO A 288 -0.50 -27.83 42.66
N ALA A 289 -1.00 -27.96 43.91
CA ALA A 289 -2.36 -28.45 44.13
C ALA A 289 -3.41 -27.42 43.71
N LEU A 290 -2.99 -26.16 43.59
CA LEU A 290 -3.85 -25.08 43.11
C LEU A 290 -3.66 -24.91 41.60
N HIS A 291 -2.42 -24.76 41.16
CA HIS A 291 -2.12 -24.28 39.82
C HIS A 291 -2.05 -25.39 38.76
N ASP A 292 -1.57 -26.60 39.09
CA ASP A 292 -1.22 -27.53 38.02
C ASP A 292 -2.39 -27.85 37.10
N ARG A 293 -3.60 -27.99 37.67
CA ARG A 293 -4.79 -28.31 36.90
C ARG A 293 -5.48 -27.08 36.31
N MET A 294 -4.77 -25.94 36.24
CA MET A 294 -5.21 -24.84 35.39
C MET A 294 -4.15 -24.47 34.33
N ILE A 295 -2.95 -25.07 34.37
CA ILE A 295 -1.87 -24.74 33.44
C ILE A 295 -1.26 -26.00 32.80
N SER A 296 -2.01 -27.10 32.75
CA SER A 296 -1.52 -28.35 32.14
C SER A 296 -0.87 -28.04 30.78
N GLY A 297 0.35 -28.55 30.59
CA GLY A 297 1.02 -28.50 29.29
C GLY A 297 1.98 -27.33 29.13
N LYS A 298 1.87 -26.29 29.97
CA LYS A 298 2.71 -25.13 29.81
C LYS A 298 4.09 -25.38 30.43
N ILE A 299 5.11 -25.13 29.61
CA ILE A 299 6.48 -25.43 29.98
C ILE A 299 7.08 -24.20 30.66
N PRO A 300 7.56 -24.29 31.92
CA PRO A 300 8.13 -23.14 32.59
C PRO A 300 9.31 -22.53 31.83
N VAL A 301 9.37 -21.19 31.84
CA VAL A 301 10.49 -20.45 31.27
C VAL A 301 10.86 -19.30 32.21
N LYS A 302 12.03 -18.69 31.98
CA LYS A 302 12.48 -17.57 32.79
C LYS A 302 11.74 -16.29 32.40
N ASP A 303 11.54 -16.09 31.09
CA ASP A 303 11.00 -14.85 30.55
C ASP A 303 9.82 -15.22 29.67
N TYR A 304 8.60 -15.00 30.17
CA TYR A 304 7.40 -15.35 29.43
C TYR A 304 7.45 -14.81 27.99
N PHE A 305 7.85 -13.56 27.83
CA PHE A 305 7.78 -12.91 26.52
C PHE A 305 8.89 -13.41 25.59
N ALA A 306 10.14 -13.41 26.06
CA ALA A 306 11.28 -13.78 25.21
C ALA A 306 11.35 -15.28 24.94
N ASP A 307 11.00 -16.10 25.95
CA ASP A 307 11.24 -17.54 25.90
C ASP A 307 10.01 -18.31 25.43
N TYR A 308 8.85 -17.66 25.30
CA TYR A 308 7.62 -18.36 24.95
C TYR A 308 6.76 -17.58 23.96
N MET A 309 6.39 -16.34 24.30
N MET A 309 6.39 -16.34 24.30
CA MET A 309 5.43 -15.61 23.47
CA MET A 309 5.44 -15.62 23.47
C MET A 309 6.03 -15.33 22.09
C MET A 309 6.04 -15.34 22.09
N ILE A 310 7.24 -14.76 22.05
CA ILE A 310 7.82 -14.37 20.76
C ILE A 310 8.07 -15.61 19.90
N PRO A 311 8.74 -16.67 20.39
CA PRO A 311 9.00 -17.83 19.51
C PRO A 311 7.75 -18.58 19.08
N SER A 312 6.71 -18.62 19.95
CA SER A 312 5.48 -19.29 19.56
C SER A 312 4.75 -18.50 18.47
N PHE A 313 4.73 -17.17 18.57
CA PHE A 313 4.20 -16.31 17.52
C PHE A 313 4.94 -16.58 16.21
N LYS A 314 6.27 -16.54 16.29
CA LYS A 314 7.11 -16.72 15.10
C LYS A 314 6.84 -18.10 14.47
N GLU A 315 6.73 -19.12 15.31
CA GLU A 315 6.46 -20.48 14.86
C GLU A 315 5.19 -20.55 14.03
N ALA A 316 4.10 -19.99 14.54
CA ALA A 316 2.82 -20.04 13.86
C ALA A 316 2.85 -19.25 12.56
N VAL A 317 3.47 -18.07 12.58
CA VAL A 317 3.58 -17.28 11.37
C VAL A 317 4.37 -18.05 10.30
N ASP A 318 5.50 -18.63 10.70
CA ASP A 318 6.38 -19.33 9.76
C ASP A 318 5.70 -20.57 9.18
N LYS A 319 4.97 -21.31 10.02
CA LYS A 319 4.41 -22.60 9.61
C LYS A 319 3.15 -22.41 8.77
N TYR A 320 2.31 -21.41 9.11
CA TYR A 320 0.96 -21.31 8.58
C TYR A 320 0.74 -20.13 7.64
N ASP A 321 1.68 -19.16 7.65
CA ASP A 321 1.69 -18.05 6.70
C ASP A 321 0.33 -17.34 6.69
N PRO A 322 -0.18 -16.85 7.85
CA PRO A 322 -1.46 -16.16 7.89
C PRO A 322 -1.44 -14.81 7.18
N ASP A 323 -2.62 -14.36 6.73
CA ASP A 323 -2.76 -13.08 6.06
C ASP A 323 -2.98 -11.93 7.05
N LEU A 324 -3.37 -12.28 8.29
CA LEU A 324 -3.86 -11.31 9.26
C LEU A 324 -3.46 -11.76 10.66
N VAL A 325 -2.94 -10.82 11.45
CA VAL A 325 -2.67 -11.04 12.87
C VAL A 325 -3.72 -10.28 13.68
N TRP A 326 -4.44 -11.05 14.53
CA TRP A 326 -5.46 -10.49 15.41
C TRP A 326 -4.94 -10.67 16.84
N TYR A 327 -4.15 -9.69 17.28
CA TYR A 327 -3.68 -9.71 18.66
C TYR A 327 -4.90 -9.61 19.59
N ASP A 328 -4.76 -10.17 20.78
CA ASP A 328 -5.71 -9.89 21.84
C ASP A 328 -4.97 -9.95 23.18
N GLY A 329 -5.61 -9.50 24.25
CA GLY A 329 -4.99 -9.61 25.55
C GLY A 329 -3.69 -8.79 25.63
N GLY A 330 -3.63 -7.69 24.88
CA GLY A 330 -2.46 -6.83 24.84
C GLY A 330 -2.43 -5.80 25.97
N TRP A 331 -3.50 -5.76 26.77
CA TRP A 331 -3.59 -4.90 27.95
C TRP A 331 -2.88 -5.55 29.15
N GLY A 332 -2.41 -6.79 29.00
CA GLY A 332 -1.71 -7.48 30.08
C GLY A 332 -0.49 -6.70 30.53
N SER A 333 0.37 -6.37 29.56
CA SER A 333 1.63 -5.68 29.78
C SER A 333 1.80 -4.64 28.66
N PRO A 334 2.45 -3.49 28.91
CA PRO A 334 2.77 -2.55 27.84
C PRO A 334 3.83 -3.14 26.89
N VAL A 335 3.93 -2.61 25.68
CA VAL A 335 4.74 -3.24 24.64
C VAL A 335 6.22 -3.07 24.96
N SER A 336 6.61 -2.13 25.84
CA SER A 336 7.99 -2.05 26.30
C SER A 336 8.41 -3.38 26.94
N ILE A 337 7.46 -4.08 27.58
CA ILE A 337 7.70 -5.36 28.24
C ILE A 337 7.29 -6.54 27.34
N SER A 338 6.13 -6.46 26.67
CA SER A 338 5.63 -7.61 25.91
C SER A 338 6.41 -7.81 24.61
N ARG A 339 7.00 -6.74 24.07
CA ARG A 339 7.86 -6.79 22.89
C ARG A 339 7.05 -7.08 21.63
N THR A 340 5.77 -6.72 21.63
CA THR A 340 4.92 -7.01 20.48
C THR A 340 5.25 -6.11 19.27
N MET A 341 6.02 -5.04 19.44
CA MET A 341 6.46 -4.32 18.25
C MET A 341 7.43 -5.17 17.45
N GLU A 342 8.14 -6.10 18.10
CA GLU A 342 9.07 -6.99 17.41
C GLU A 342 8.33 -8.09 16.64
N THR A 343 7.25 -8.61 17.21
CA THR A 343 6.43 -9.61 16.51
C THR A 343 5.73 -8.95 15.34
N SER A 344 5.24 -7.71 15.52
CA SER A 344 4.60 -6.98 14.43
C SER A 344 5.56 -6.69 13.28
N ALA A 345 6.76 -6.17 13.59
CA ALA A 345 7.75 -5.90 12.56
C ALA A 345 8.10 -7.20 11.80
N TYR A 346 8.26 -8.30 12.55
CA TYR A 346 8.63 -9.58 11.96
C TYR A 346 7.54 -10.03 10.98
N PHE A 347 6.28 -9.92 11.41
CA PHE A 347 5.16 -10.36 10.57
C PHE A 347 5.16 -9.60 9.23
N TYR A 348 5.32 -8.28 9.30
CA TYR A 348 5.36 -7.48 8.07
C TYR A 348 6.59 -7.82 7.23
N ASN A 349 7.76 -7.95 7.87
CA ASN A 349 9.01 -8.21 7.16
C ASN A 349 8.96 -9.54 6.41
N GLN A 350 8.46 -10.61 7.05
CA GLN A 350 8.43 -11.91 6.40
C GLN A 350 7.38 -11.97 5.28
N ALA A 351 6.42 -11.04 5.26
CA ALA A 351 5.41 -10.96 4.22
C ALA A 351 5.90 -10.19 2.98
N GLU A 352 6.97 -9.39 3.12
CA GLU A 352 7.43 -8.52 2.03
C GLU A 352 7.69 -9.36 0.78
N GLY A 353 7.10 -8.95 -0.35
CA GLY A 353 7.30 -9.60 -1.63
C GLY A 353 6.53 -10.91 -1.79
N LYS A 354 5.78 -11.33 -0.75
CA LYS A 354 5.11 -12.62 -0.72
C LYS A 354 3.61 -12.43 -0.64
N LYS A 355 3.14 -11.58 0.28
CA LYS A 355 1.71 -11.32 0.37
C LYS A 355 1.44 -10.04 1.15
N ASP A 356 0.27 -9.46 0.91
CA ASP A 356 -0.20 -8.28 1.59
C ASP A 356 -0.90 -8.70 2.90
N VAL A 357 -0.46 -8.14 4.03
CA VAL A 357 -0.94 -8.62 5.32
C VAL A 357 -1.40 -7.45 6.18
N VAL A 358 -2.07 -7.76 7.30
CA VAL A 358 -2.68 -6.72 8.11
C VAL A 358 -2.66 -7.17 9.57
N ILE A 359 -2.55 -6.20 10.49
CA ILE A 359 -2.59 -6.43 11.93
C ILE A 359 -3.68 -5.54 12.53
N ASN A 360 -4.42 -6.08 13.51
CA ASN A 360 -5.37 -5.29 14.27
C ASN A 360 -4.60 -4.34 15.20
N ASN A 361 -5.33 -3.66 16.09
CA ASN A 361 -4.73 -2.62 16.92
C ASN A 361 -4.58 -3.07 18.38
N ARG A 362 -4.40 -4.38 18.63
CA ARG A 362 -4.41 -4.89 20.00
C ARG A 362 -3.03 -5.32 20.50
N ALA A 363 -1.94 -4.87 19.86
CA ALA A 363 -0.60 -5.24 20.31
C ALA A 363 -0.30 -4.81 21.75
N GLY A 364 -0.88 -3.70 22.19
CA GLY A 364 -0.68 -3.16 23.52
C GLY A 364 -0.31 -1.68 23.51
N SER A 365 -0.04 -1.15 24.70
CA SER A 365 0.20 0.28 24.91
C SER A 365 1.67 0.65 24.67
N SER A 366 1.86 1.81 24.05
CA SER A 366 3.16 2.45 23.85
C SER A 366 3.56 3.37 25.01
N LEU A 367 2.73 3.47 26.05
CA LEU A 367 3.00 4.42 27.13
C LEU A 367 4.25 4.01 27.92
N SER A 368 4.94 5.04 28.46
CA SER A 368 6.04 4.87 29.40
C SER A 368 5.50 4.43 30.75
N GLU A 369 6.40 3.95 31.63
CA GLU A 369 6.04 3.63 33.00
C GLU A 369 5.34 4.83 33.67
N ASP A 370 5.89 6.04 33.47
CA ASP A 370 5.39 7.24 34.13
C ASP A 370 3.96 7.55 33.70
N ASP A 371 3.66 7.38 32.41
CA ASP A 371 2.33 7.65 31.90
C ASP A 371 1.33 6.59 32.37
N LEU A 372 1.77 5.34 32.49
CA LEU A 372 0.88 4.29 33.00
C LEU A 372 0.52 4.55 34.48
N ILE A 373 1.47 5.13 35.24
CA ILE A 373 1.25 5.48 36.64
C ILE A 373 0.18 6.59 36.71
N LYS A 374 0.32 7.63 35.87
CA LYS A 374 -0.62 8.74 35.84
C LYS A 374 -2.06 8.28 35.55
N VAL A 375 -2.21 7.27 34.67
CA VAL A 375 -3.52 6.77 34.30
C VAL A 375 -4.17 6.08 35.52
N ARG A 376 -3.39 5.28 36.25
CA ARG A 376 -3.86 4.55 37.43
C ARG A 376 -4.30 5.53 38.51
N ASP A 377 -3.52 6.60 38.73
CA ASP A 377 -3.84 7.66 39.68
C ASP A 377 -5.18 8.30 39.32
N LEU A 378 -5.31 8.77 38.07
CA LEU A 378 -6.50 9.42 37.57
C LEU A 378 -7.59 8.38 37.28
N ASP A 385 -11.97 10.44 32.50
CA ASP A 385 -11.96 11.32 31.30
C ASP A 385 -10.53 11.75 30.98
N GLU A 386 -9.78 12.16 32.01
CA GLU A 386 -8.38 12.55 31.83
C GLU A 386 -7.50 11.31 31.71
N ALA A 387 -7.89 10.22 32.40
CA ALA A 387 -7.19 8.94 32.30
C ALA A 387 -7.34 8.35 30.90
N MET A 388 -8.52 8.56 30.28
CA MET A 388 -8.85 8.00 28.99
C MET A 388 -8.08 8.71 27.87
N LYS A 389 -7.80 10.02 28.04
CA LYS A 389 -7.09 10.80 27.05
C LYS A 389 -5.64 10.37 26.95
N ILE A 390 -5.02 10.10 28.12
CA ILE A 390 -3.64 9.66 28.16
C ILE A 390 -3.54 8.23 27.58
N TYR A 391 -4.47 7.37 27.98
CA TYR A 391 -4.49 5.98 27.54
C TYR A 391 -4.54 5.92 26.01
N LEU A 392 -5.47 6.66 25.40
CA LEU A 392 -5.66 6.67 23.95
C LEU A 392 -4.40 7.19 23.24
N SER A 393 -3.70 8.14 23.86
CA SER A 393 -2.44 8.62 23.30
C SER A 393 -1.40 7.50 23.19
N GLY A 394 -1.50 6.45 24.03
CA GLY A 394 -0.54 5.35 23.95
C GLY A 394 -0.99 4.20 23.07
N GLN A 395 -2.14 4.35 22.38
CA GLN A 395 -2.66 3.32 21.51
C GLN A 395 -2.33 3.69 20.07
N GLN A 396 -1.18 3.23 19.59
CA GLN A 396 -0.51 3.78 18.41
C GLN A 396 -0.13 2.67 17.43
N LEU A 397 -0.50 1.41 17.73
CA LEU A 397 0.01 0.27 16.99
C LEU A 397 -1.15 -0.46 16.33
N GLY A 398 -1.01 -0.72 15.03
CA GLY A 398 -1.93 -1.57 14.30
C GLY A 398 -2.49 -0.85 13.07
N ASP A 399 -3.12 -1.65 12.20
CA ASP A 399 -3.62 -1.14 10.94
C ASP A 399 -5.09 -0.71 11.01
N TYR A 400 -5.85 -1.22 12.00
CA TYR A 400 -7.27 -0.94 12.03
C TYR A 400 -7.82 -1.10 13.44
N GLY A 401 -8.92 -0.38 13.71
CA GLY A 401 -9.58 -0.40 15.02
C GLY A 401 -10.53 -1.58 15.17
N THR A 402 -10.75 -1.97 16.44
CA THR A 402 -11.46 -3.20 16.76
C THR A 402 -12.51 -2.93 17.84
N PRO A 403 -13.53 -2.09 17.58
CA PRO A 403 -14.65 -1.97 18.52
C PRO A 403 -15.25 -3.36 18.75
N GLU A 404 -15.62 -3.62 20.01
CA GLU A 404 -16.10 -4.94 20.37
C GLU A 404 -17.55 -4.83 20.81
N PHE A 405 -18.42 -5.57 20.09
CA PHE A 405 -19.87 -5.62 20.32
C PHE A 405 -20.53 -4.29 19.99
N THR A 406 -20.28 -3.27 20.80
CA THR A 406 -20.82 -1.94 20.57
C THR A 406 -19.88 -1.21 19.60
N ILE A 407 -20.47 -0.63 18.55
CA ILE A 407 -19.67 0.05 17.53
C ILE A 407 -19.16 1.37 18.11
N GLY A 408 -20.04 2.15 18.73
CA GLY A 408 -19.64 3.39 19.37
C GLY A 408 -19.29 4.49 18.36
N ASP A 409 -18.49 5.46 18.82
CA ASP A 409 -18.15 6.64 18.05
C ASP A 409 -16.92 6.34 17.19
N VAL A 410 -17.13 5.58 16.11
CA VAL A 410 -16.02 5.19 15.25
C VAL A 410 -15.66 6.34 14.31
N ASP A 411 -14.35 6.47 14.09
CA ASP A 411 -13.82 7.34 13.06
C ASP A 411 -13.98 6.62 11.72
N ILE A 412 -14.86 7.13 10.85
CA ILE A 412 -15.18 6.45 9.60
C ILE A 412 -14.17 6.82 8.52
N GLN A 413 -13.22 7.70 8.86
CA GLN A 413 -12.11 8.05 7.99
C GLN A 413 -10.99 7.01 8.10
N SER A 414 -10.93 6.25 9.20
CA SER A 414 -9.95 5.20 9.34
C SER A 414 -10.64 3.85 9.20
N LYS A 415 -9.88 2.78 8.97
CA LYS A 415 -10.46 1.45 8.84
C LYS A 415 -10.74 0.86 10.22
N TRP A 416 -11.89 0.21 10.36
CA TRP A 416 -12.26 -0.44 11.61
C TRP A 416 -13.05 -1.70 11.32
N GLU A 417 -13.16 -2.54 12.35
CA GLU A 417 -13.79 -3.84 12.30
C GLU A 417 -14.50 -4.06 13.63
N VAL A 418 -15.81 -4.35 13.60
CA VAL A 418 -16.52 -4.68 14.83
C VAL A 418 -16.65 -6.18 14.93
N CYS A 419 -16.35 -6.72 16.13
CA CYS A 419 -16.50 -8.15 16.37
C CYS A 419 -17.69 -8.41 17.31
N ARG A 420 -18.47 -9.46 16.99
CA ARG A 420 -19.62 -9.86 17.78
C ARG A 420 -20.25 -11.10 17.13
N SER A 421 -20.99 -11.86 17.95
CA SER A 421 -21.78 -12.99 17.48
C SER A 421 -23.19 -12.49 17.18
N ILE A 422 -24.10 -13.42 16.87
CA ILE A 422 -25.50 -13.05 16.67
C ILE A 422 -26.21 -12.75 17.99
N SER A 423 -25.54 -13.02 19.12
CA SER A 423 -26.08 -12.69 20.44
C SER A 423 -25.05 -11.86 21.18
N PRO A 424 -25.26 -11.48 22.46
CA PRO A 424 -24.19 -10.84 23.23
C PRO A 424 -22.98 -11.74 23.48
N ALA A 425 -23.14 -13.05 23.29
CA ALA A 425 -22.21 -14.03 23.79
C ALA A 425 -21.01 -14.21 22.84
N PHE A 426 -19.81 -13.98 23.38
CA PHE A 426 -18.56 -14.41 22.75
C PHE A 426 -18.19 -15.77 23.30
N GLY A 427 -18.35 -16.80 22.46
CA GLY A 427 -18.25 -18.19 22.84
C GLY A 427 -19.66 -18.77 23.01
N TYR A 428 -19.73 -20.10 22.95
CA TYR A 428 -21.00 -20.80 22.95
C TYR A 428 -21.73 -20.58 24.27
N ASN A 429 -23.01 -20.21 24.16
CA ASN A 429 -23.91 -20.20 25.30
C ASN A 429 -25.07 -21.16 25.02
N TRP A 430 -25.16 -22.25 25.78
CA TRP A 430 -26.16 -23.28 25.57
C TRP A 430 -27.57 -22.70 25.72
N GLN A 431 -27.71 -21.56 26.40
CA GLN A 431 -28.99 -20.91 26.61
C GLN A 431 -29.41 -20.03 25.43
N ASP A 432 -28.47 -19.69 24.52
CA ASP A 432 -28.77 -18.79 23.42
C ASP A 432 -29.83 -19.44 22.52
N ASP A 433 -30.75 -18.61 22.05
CA ASP A 433 -31.92 -19.08 21.30
C ASP A 433 -32.46 -17.92 20.46
N GLU A 434 -33.66 -18.12 19.87
CA GLU A 434 -34.24 -17.13 18.97
C GLU A 434 -34.45 -15.81 19.69
N ALA A 435 -34.84 -15.88 20.97
CA ALA A 435 -35.13 -14.69 21.75
C ALA A 435 -33.85 -13.90 22.08
N SER A 436 -32.71 -14.59 22.24
CA SER A 436 -31.48 -13.92 22.69
C SER A 436 -30.61 -13.45 21.52
N SER A 437 -30.92 -13.90 20.30
CA SER A 437 -30.10 -13.69 19.12
C SER A 437 -30.74 -12.72 18.13
N LEU A 438 -29.92 -11.98 17.36
CA LEU A 438 -30.39 -11.20 16.23
C LEU A 438 -31.16 -12.10 15.26
N SER A 439 -32.20 -11.55 14.64
CA SER A 439 -32.83 -12.16 13.48
C SER A 439 -31.89 -12.02 12.27
N GLY A 440 -32.11 -12.83 11.24
CA GLY A 440 -31.42 -12.65 9.97
C GLY A 440 -31.59 -11.22 9.46
N GLU A 441 -32.81 -10.71 9.57
CA GLU A 441 -33.15 -9.36 9.17
C GLU A 441 -32.30 -8.32 9.91
N GLU A 442 -32.21 -8.43 11.24
CA GLU A 442 -31.42 -7.49 12.03
C GLU A 442 -29.93 -7.61 11.67
N LEU A 443 -29.45 -8.83 11.48
CA LEU A 443 -28.04 -9.05 11.16
C LEU A 443 -27.67 -8.38 9.83
N ILE A 444 -28.53 -8.56 8.80
CA ILE A 444 -28.29 -7.99 7.49
C ILE A 444 -28.30 -6.46 7.56
N LYS A 445 -29.27 -5.87 8.27
CA LYS A 445 -29.33 -4.42 8.37
C LYS A 445 -28.14 -3.86 9.16
N LEU A 446 -27.70 -4.56 10.20
CA LEU A 446 -26.55 -4.13 10.99
C LEU A 446 -25.30 -4.17 10.10
N PHE A 447 -25.15 -5.25 9.33
CA PHE A 447 -24.03 -5.43 8.41
C PHE A 447 -23.93 -4.27 7.42
N VAL A 448 -25.06 -3.92 6.80
CA VAL A 448 -25.12 -2.83 5.84
C VAL A 448 -24.70 -1.53 6.49
N ASP A 449 -25.17 -1.27 7.71
CA ASP A 449 -24.79 -0.09 8.48
C ASP A 449 -23.27 -0.04 8.66
N ILE A 450 -22.69 -1.16 9.11
CA ILE A 450 -21.26 -1.27 9.34
C ILE A 450 -20.49 -0.91 8.07
N VAL A 451 -20.89 -1.53 6.95
CA VAL A 451 -20.16 -1.39 5.71
C VAL A 451 -20.26 0.05 5.17
N ALA A 452 -21.44 0.68 5.27
CA ALA A 452 -21.63 2.06 4.86
C ALA A 452 -20.69 3.01 5.62
N ASN A 453 -20.30 2.61 6.84
CA ASN A 453 -19.53 3.47 7.74
C ASN A 453 -18.06 3.06 7.78
N ASN A 454 -17.60 2.30 6.77
CA ASN A 454 -16.20 1.95 6.51
C ASN A 454 -15.73 0.76 7.35
N GLY A 455 -16.66 0.10 8.05
CA GLY A 455 -16.32 -1.04 8.88
C GLY A 455 -16.31 -2.36 8.12
N ASN A 456 -15.59 -3.33 8.71
CA ASN A 456 -15.79 -4.73 8.46
C ASN A 456 -16.57 -5.30 9.65
N LEU A 457 -17.38 -6.34 9.41
CA LEU A 457 -17.95 -7.16 10.47
C LEU A 457 -17.13 -8.43 10.58
N LEU A 458 -16.55 -8.65 11.76
CA LEU A 458 -15.93 -9.93 12.08
C LEU A 458 -16.91 -10.71 12.94
N LEU A 459 -17.66 -11.58 12.23
CA LEU A 459 -18.82 -12.25 12.81
C LEU A 459 -18.36 -13.50 13.55
N VAL A 460 -18.59 -13.47 14.87
CA VAL A 460 -18.24 -14.57 15.74
C VAL A 460 -19.24 -15.70 15.55
N ILE A 461 -18.69 -16.91 15.38
CA ILE A 461 -19.46 -18.14 15.47
C ILE A 461 -18.83 -19.02 16.54
N SER A 462 -19.72 -19.64 17.32
CA SER A 462 -19.34 -20.29 18.56
C SER A 462 -19.86 -21.71 18.58
N PRO A 463 -19.01 -22.73 18.26
CA PRO A 463 -19.42 -24.13 18.38
C PRO A 463 -19.44 -24.61 19.84
N ASP A 464 -20.09 -25.75 20.06
CA ASP A 464 -20.09 -26.42 21.36
C ASP A 464 -18.80 -27.22 21.50
N GLY A 465 -18.69 -27.97 22.61
CA GLY A 465 -17.47 -28.69 22.91
C GLY A 465 -17.14 -29.76 21.87
N SER A 466 -18.18 -30.31 21.20
CA SER A 466 -17.97 -31.35 20.19
C SER A 466 -17.48 -30.73 18.88
N GLY A 467 -17.66 -29.42 18.74
CA GLY A 467 -17.29 -28.70 17.54
C GLY A 467 -18.47 -28.46 16.62
N LYS A 468 -19.68 -28.78 17.09
CA LYS A 468 -20.89 -28.56 16.31
C LYS A 468 -21.36 -27.12 16.48
N LEU A 469 -21.74 -26.50 15.37
CA LEU A 469 -22.26 -25.16 15.39
C LEU A 469 -23.77 -25.24 15.65
N PRO A 470 -24.28 -24.49 16.67
CA PRO A 470 -25.73 -24.41 16.88
C PRO A 470 -26.47 -24.05 15.60
N ASP A 471 -27.63 -24.70 15.41
CA ASP A 471 -28.45 -24.53 14.22
C ASP A 471 -28.82 -23.07 14.01
N ILE A 472 -29.11 -22.33 15.10
CA ILE A 472 -29.47 -20.93 14.98
C ILE A 472 -28.34 -20.11 14.35
N GLN A 473 -27.08 -20.40 14.70
CA GLN A 473 -25.97 -19.63 14.11
C GLN A 473 -25.82 -19.99 12.63
N LYS A 474 -25.92 -21.29 12.34
CA LYS A 474 -25.89 -21.79 10.96
C LYS A 474 -26.94 -21.06 10.13
N ASP A 475 -28.15 -20.92 10.68
CA ASP A 475 -29.27 -20.31 9.98
C ASP A 475 -28.99 -18.85 9.66
N ARG A 476 -28.41 -18.10 10.59
CA ARG A 476 -28.12 -16.69 10.35
C ARG A 476 -27.05 -16.56 9.27
N LEU A 477 -26.05 -17.45 9.26
CA LEU A 477 -25.02 -17.45 8.23
C LEU A 477 -25.62 -17.75 6.85
N LEU A 478 -26.52 -18.72 6.79
CA LEU A 478 -27.20 -19.09 5.55
C LEU A 478 -28.01 -17.91 5.03
N GLU A 479 -28.71 -17.19 5.91
CA GLU A 479 -29.56 -16.07 5.54
C GLU A 479 -28.73 -14.89 5.05
N LEU A 480 -27.60 -14.64 5.74
CA LEU A 480 -26.68 -13.62 5.30
C LEU A 480 -26.12 -14.00 3.91
N GLY A 481 -25.73 -15.25 3.75
CA GLY A 481 -25.24 -15.79 2.49
C GLY A 481 -26.23 -15.64 1.34
N ASP A 482 -27.50 -15.97 1.61
CA ASP A 482 -28.57 -15.82 0.63
C ASP A 482 -28.72 -14.36 0.22
N TRP A 483 -28.63 -13.42 1.18
CA TRP A 483 -28.73 -12.01 0.88
C TRP A 483 -27.52 -11.54 0.05
N MET A 484 -26.34 -12.06 0.39
CA MET A 484 -25.11 -11.66 -0.31
C MET A 484 -25.10 -12.19 -1.75
N LYS A 485 -25.70 -13.38 -2.00
CA LYS A 485 -25.85 -13.88 -3.37
C LYS A 485 -26.41 -12.80 -4.29
N VAL A 486 -27.41 -12.04 -3.81
CA VAL A 486 -28.03 -10.98 -4.60
C VAL A 486 -27.24 -9.68 -4.51
N ASN A 487 -26.76 -9.33 -3.30
CA ASN A 487 -26.38 -7.95 -3.00
C ASN A 487 -24.87 -7.75 -2.82
N ALA A 488 -24.06 -8.82 -2.93
CA ALA A 488 -22.63 -8.77 -2.60
C ALA A 488 -21.87 -7.66 -3.34
N GLU A 489 -22.27 -7.33 -4.58
CA GLU A 489 -21.50 -6.35 -5.36
C GLU A 489 -21.64 -4.95 -4.75
N SER A 490 -22.70 -4.71 -3.95
CA SER A 490 -22.90 -3.43 -3.27
C SER A 490 -22.18 -3.38 -1.91
N ILE A 491 -21.46 -4.45 -1.57
CA ILE A 491 -20.79 -4.63 -0.28
C ILE A 491 -19.29 -4.84 -0.51
N HIS A 492 -18.92 -5.99 -1.06
CA HIS A 492 -17.52 -6.26 -1.39
C HIS A 492 -16.98 -5.18 -2.31
N ASN A 493 -15.73 -4.75 -2.05
CA ASN A 493 -14.99 -3.86 -2.94
C ASN A 493 -15.59 -2.45 -2.99
N THR A 494 -16.40 -2.07 -2.00
CA THR A 494 -16.98 -0.73 -1.96
C THR A 494 -16.29 0.14 -0.91
N ARG A 495 -16.63 1.42 -0.97
CA ARG A 495 -16.14 2.44 -0.07
C ARG A 495 -17.32 3.27 0.43
N PRO A 496 -17.16 3.99 1.56
CA PRO A 496 -18.19 4.94 1.98
C PRO A 496 -18.41 6.05 0.95
N TRP A 497 -19.65 6.54 0.92
CA TRP A 497 -20.02 7.70 0.13
C TRP A 497 -19.94 8.94 1.01
N LYS A 498 -20.15 10.13 0.40
CA LYS A 498 -20.14 11.41 1.09
C LYS A 498 -21.20 11.45 2.19
N VAL A 499 -22.28 10.68 2.03
CA VAL A 499 -23.30 10.50 3.04
C VAL A 499 -23.47 9.00 3.25
N GLN A 500 -23.61 8.59 4.52
CA GLN A 500 -23.63 7.18 4.87
C GLN A 500 -25.05 6.69 5.05
N LYS A 501 -25.91 7.57 5.59
CA LYS A 501 -27.28 7.22 5.94
C LYS A 501 -28.21 8.37 5.53
N GLU A 502 -29.39 7.99 4.98
CA GLU A 502 -30.50 8.92 4.78
C GLU A 502 -31.79 8.18 5.16
N ASN A 503 -32.36 8.52 6.32
CA ASN A 503 -33.51 7.81 6.87
C ASN A 503 -33.20 6.31 6.90
N ASP A 504 -34.01 5.50 6.20
CA ASP A 504 -33.88 4.05 6.22
C ASP A 504 -32.89 3.57 5.15
N LYS A 505 -32.19 4.49 4.47
CA LYS A 505 -31.24 4.14 3.42
C LYS A 505 -29.79 4.26 3.88
N PHE A 506 -28.95 3.29 3.47
CA PHE A 506 -27.50 3.34 3.66
C PHE A 506 -26.79 3.30 2.31
N PHE A 507 -25.71 4.06 2.16
CA PHE A 507 -25.01 4.19 0.88
C PHE A 507 -23.63 3.52 0.91
N THR A 508 -23.24 2.92 -0.21
CA THR A 508 -21.84 2.63 -0.50
C THR A 508 -21.55 3.03 -1.94
N LYS A 509 -20.27 3.12 -2.31
CA LYS A 509 -19.90 3.41 -3.69
C LYS A 509 -18.83 2.43 -4.15
N SER A 510 -18.79 2.14 -5.45
CA SER A 510 -17.72 1.37 -6.04
C SER A 510 -16.41 2.12 -5.84
N LYS A 511 -15.31 1.38 -5.78
CA LYS A 511 -13.96 1.92 -5.62
C LYS A 511 -13.72 3.08 -6.59
N ASP A 512 -14.19 2.92 -7.83
CA ASP A 512 -13.92 3.86 -8.91
C ASP A 512 -14.88 5.03 -8.94
N GLY A 513 -15.90 5.06 -8.06
CA GLY A 513 -16.81 6.19 -7.96
C GLY A 513 -18.01 6.13 -8.94
N LYS A 514 -18.02 5.16 -9.86
CA LYS A 514 -18.93 5.19 -10.98
C LYS A 514 -20.24 4.43 -10.70
N SER A 515 -20.33 3.77 -9.53
CA SER A 515 -21.58 3.16 -9.09
C SER A 515 -21.87 3.57 -7.64
N LEU A 516 -23.08 4.09 -7.42
CA LEU A 516 -23.58 4.38 -6.08
C LEU A 516 -24.64 3.34 -5.76
N PHE A 517 -24.57 2.76 -4.55
CA PHE A 517 -25.48 1.73 -4.10
C PHE A 517 -26.33 2.26 -2.94
N VAL A 518 -27.66 2.16 -3.07
CA VAL A 518 -28.61 2.67 -2.10
C VAL A 518 -29.31 1.47 -1.45
N HIS A 519 -28.99 1.20 -0.17
CA HIS A 519 -29.52 0.04 0.52
C HIS A 519 -30.73 0.45 1.36
N CYS A 520 -31.93 0.04 0.91
CA CYS A 520 -33.19 0.40 1.56
C CYS A 520 -33.58 -0.67 2.57
N THR A 521 -33.63 -0.28 3.85
CA THR A 521 -33.93 -1.22 4.93
C THR A 521 -35.45 -1.34 5.11
N ASN A 522 -36.21 -0.43 4.47
CA ASN A 522 -37.63 -0.67 4.23
C ASN A 522 -37.90 -0.73 2.73
N TRP A 523 -38.74 -1.70 2.34
CA TRP A 523 -39.27 -1.76 0.98
C TRP A 523 -39.91 -0.41 0.68
N PRO A 524 -39.43 0.33 -0.34
CA PRO A 524 -39.96 1.68 -0.59
C PRO A 524 -41.30 1.71 -1.33
N GLY A 525 -41.86 0.55 -1.69
CA GLY A 525 -43.21 0.47 -2.24
C GLY A 525 -43.28 0.85 -3.71
N GLU A 526 -44.18 1.79 -4.03
CA GLU A 526 -44.41 2.23 -5.40
C GLU A 526 -43.23 3.04 -5.93
N ASN A 527 -42.56 3.79 -5.04
CA ASN A 527 -41.54 4.75 -5.46
C ASN A 527 -40.38 4.80 -4.45
N LEU A 528 -39.15 4.85 -4.97
CA LEU A 528 -37.97 5.17 -4.18
C LEU A 528 -37.60 6.63 -4.43
N ILE A 529 -37.55 7.41 -3.35
CA ILE A 529 -37.16 8.82 -3.39
C ILE A 529 -35.85 9.02 -2.63
N ILE A 530 -34.85 9.64 -3.28
CA ILE A 530 -33.54 9.87 -2.68
C ILE A 530 -33.30 11.37 -2.62
N ASN A 531 -33.24 11.91 -1.39
CA ASN A 531 -33.13 13.34 -1.12
C ASN A 531 -31.68 13.81 -1.29
N THR A 532 -30.70 12.97 -0.99
CA THR A 532 -29.31 13.42 -0.98
C THR A 532 -28.91 13.83 -2.39
N PRO A 533 -28.45 15.09 -2.61
CA PRO A 533 -27.96 15.50 -3.93
C PRO A 533 -26.95 14.54 -4.55
N ILE A 534 -27.14 14.21 -5.84
CA ILE A 534 -26.19 13.45 -6.64
C ILE A 534 -25.71 14.35 -7.78
N GLU A 535 -24.47 14.83 -7.67
CA GLU A 535 -23.97 15.88 -8.56
C GLU A 535 -23.84 15.33 -9.99
N GLU A 536 -23.33 14.10 -10.12
CA GLU A 536 -23.00 13.53 -11.42
C GLU A 536 -24.28 13.12 -12.15
N GLY A 537 -24.21 13.09 -13.49
CA GLY A 537 -25.29 12.58 -14.31
C GLY A 537 -25.45 11.07 -14.16
N ILE A 538 -26.66 10.56 -14.40
CA ILE A 538 -26.99 9.17 -14.16
C ILE A 538 -27.19 8.45 -15.49
N LYS A 539 -26.45 7.36 -15.69
CA LYS A 539 -26.55 6.55 -16.90
C LYS A 539 -27.68 5.53 -16.79
N GLY A 540 -27.97 5.08 -15.57
CA GLY A 540 -28.84 3.94 -15.36
C GLY A 540 -29.04 3.64 -13.89
N ILE A 541 -30.17 3.01 -13.57
CA ILE A 541 -30.50 2.60 -12.20
C ILE A 541 -31.13 1.22 -12.31
N LYS A 542 -30.77 0.35 -11.38
CA LYS A 542 -31.26 -1.02 -11.35
C LYS A 542 -31.37 -1.48 -9.89
N LEU A 543 -32.39 -2.30 -9.59
CA LEU A 543 -32.54 -2.98 -8.31
C LEU A 543 -31.81 -4.31 -8.38
N LEU A 544 -30.83 -4.50 -7.49
CA LEU A 544 -30.09 -5.74 -7.46
C LEU A 544 -31.05 -6.88 -7.15
N GLY A 545 -30.94 -7.96 -7.94
CA GLY A 545 -31.87 -9.08 -7.89
C GLY A 545 -32.85 -9.08 -9.06
N SER A 546 -32.97 -7.94 -9.76
CA SER A 546 -33.67 -7.85 -11.03
C SER A 546 -32.66 -7.52 -12.14
N ASP A 547 -32.80 -8.22 -13.28
CA ASP A 547 -32.11 -7.87 -14.51
C ASP A 547 -32.80 -6.69 -15.22
N ILE A 548 -33.92 -6.22 -14.68
CA ILE A 548 -34.70 -5.21 -15.38
C ILE A 548 -34.16 -3.82 -15.01
N ASN A 549 -33.97 -2.96 -16.03
CA ASN A 549 -33.55 -1.59 -15.77
C ASN A 549 -34.76 -0.80 -15.28
N LEU A 550 -34.55 0.00 -14.24
CA LEU A 550 -35.65 0.76 -13.65
C LEU A 550 -35.73 2.14 -14.28
N GLN A 551 -36.97 2.62 -14.37
CA GLN A 551 -37.28 4.01 -14.67
C GLN A 551 -36.70 4.92 -13.61
N PHE A 552 -36.43 6.17 -13.97
CA PHE A 552 -36.03 7.17 -13.01
C PHE A 552 -36.15 8.55 -13.64
N THR A 553 -36.44 9.56 -12.83
CA THR A 553 -36.37 10.95 -13.24
C THR A 553 -35.89 11.77 -12.03
N LYS A 554 -35.29 12.92 -12.32
CA LYS A 554 -34.92 13.91 -11.31
C LYS A 554 -36.06 14.93 -11.21
N ALA A 555 -36.67 15.03 -10.02
CA ALA A 555 -37.66 16.08 -9.74
C ALA A 555 -36.97 17.44 -9.69
N SER A 556 -37.78 18.51 -9.62
CA SER A 556 -37.26 19.87 -9.72
C SER A 556 -36.69 20.34 -8.37
N ASN A 557 -37.15 19.74 -7.27
CA ASN A 557 -36.62 20.05 -5.95
C ASN A 557 -35.24 19.42 -5.76
N GLY A 558 -34.86 18.47 -6.63
CA GLY A 558 -33.53 17.88 -6.62
C GLY A 558 -33.54 16.37 -6.39
N ASN A 559 -34.64 15.88 -5.79
CA ASN A 559 -34.81 14.48 -5.45
C ASN A 559 -34.76 13.59 -6.69
N LEU A 560 -34.25 12.36 -6.50
CA LEU A 560 -34.36 11.32 -7.50
C LEU A 560 -35.62 10.49 -7.23
N GLU A 561 -36.39 10.22 -8.31
CA GLU A 561 -37.64 9.46 -8.22
C GLU A 561 -37.47 8.17 -9.02
N ILE A 562 -37.73 7.03 -8.38
CA ILE A 562 -37.49 5.73 -9.00
C ILE A 562 -38.74 4.87 -8.88
N PRO A 563 -39.63 4.88 -9.90
CA PRO A 563 -40.79 4.00 -9.91
C PRO A 563 -40.46 2.52 -9.85
N ILE A 564 -41.23 1.78 -9.03
CA ILE A 564 -40.98 0.36 -8.80
C ILE A 564 -42.02 -0.49 -9.53
N PRO A 565 -41.61 -1.38 -10.45
CA PRO A 565 -42.56 -2.25 -11.18
C PRO A 565 -43.64 -2.91 -10.31
N LYS A 566 -44.89 -2.85 -10.81
CA LYS A 566 -46.02 -3.41 -10.10
C LYS A 566 -45.77 -4.88 -9.74
N ASP A 567 -45.04 -5.61 -10.60
CA ASP A 567 -44.82 -7.04 -10.42
C ASP A 567 -43.93 -7.35 -9.21
N PHE A 568 -43.14 -6.34 -8.77
CA PHE A 568 -42.25 -6.47 -7.62
C PHE A 568 -43.00 -6.27 -6.29
N GLN A 569 -44.16 -5.58 -6.34
CA GLN A 569 -44.91 -5.21 -5.13
C GLN A 569 -45.62 -6.43 -4.52
N ASN A 570 -46.01 -7.39 -5.35
CA ASN A 570 -46.77 -8.53 -4.88
C ASN A 570 -45.97 -9.35 -3.87
N ASN A 571 -44.66 -9.50 -4.08
CA ASN A 571 -43.79 -10.18 -3.13
C ASN A 571 -42.35 -9.72 -3.35
N PRO A 572 -41.94 -8.52 -2.86
CA PRO A 572 -40.57 -8.03 -3.08
C PRO A 572 -39.48 -8.91 -2.46
N SER A 573 -39.84 -9.69 -1.45
CA SER A 573 -38.92 -10.59 -0.78
C SER A 573 -38.39 -11.68 -1.72
N LEU A 574 -39.11 -11.97 -2.81
CA LEU A 574 -38.64 -12.90 -3.83
C LEU A 574 -37.36 -12.37 -4.50
N ILE A 575 -37.25 -11.05 -4.65
CA ILE A 575 -36.09 -10.42 -5.25
C ILE A 575 -34.90 -10.43 -4.27
N SER A 576 -35.15 -9.94 -3.05
CA SER A 576 -34.15 -9.80 -1.98
C SER A 576 -34.93 -9.68 -0.67
N LYS A 577 -34.50 -10.38 0.39
CA LYS A 577 -35.14 -10.24 1.69
C LYS A 577 -34.50 -9.09 2.48
N TYR A 578 -35.35 -8.35 3.21
CA TYR A 578 -34.98 -7.48 4.34
C TYR A 578 -34.41 -6.13 3.89
N VAL A 579 -33.42 -6.15 2.98
CA VAL A 579 -32.82 -4.94 2.44
C VAL A 579 -32.78 -5.06 0.91
N TRP A 580 -33.21 -3.98 0.24
CA TRP A 580 -33.27 -3.88 -1.22
C TRP A 580 -32.25 -2.85 -1.68
N THR A 581 -31.34 -3.25 -2.58
CA THR A 581 -30.24 -2.38 -2.96
C THR A 581 -30.38 -1.90 -4.41
N PHE A 582 -30.34 -0.59 -4.60
CA PHE A 582 -30.43 0.00 -5.92
C PHE A 582 -29.04 0.48 -6.35
N LYS A 583 -28.60 0.00 -7.53
CA LYS A 583 -27.35 0.43 -8.13
C LYS A 583 -27.58 1.58 -9.10
N ILE A 584 -26.96 2.73 -8.82
CA ILE A 584 -27.03 3.90 -9.67
C ILE A 584 -25.69 4.07 -10.41
N ASP A 585 -25.69 3.89 -11.73
CA ASP A 585 -24.50 4.06 -12.57
C ASP A 585 -24.36 5.53 -12.98
N LEU A 586 -23.17 6.11 -12.74
CA LEU A 586 -22.93 7.54 -12.93
C LEU A 586 -22.03 7.79 -14.16
N ASN A 587 -22.01 9.05 -14.62
CA ASN A 587 -21.14 9.47 -15.71
C ASN A 587 -19.81 9.96 -15.14
N LYS B 34 15.41 27.90 -45.81
CA LYS B 34 14.26 27.20 -45.21
C LYS B 34 14.45 27.08 -43.69
N HIS B 35 15.66 26.70 -43.22
CA HIS B 35 15.83 26.34 -41.81
C HIS B 35 16.98 27.09 -41.13
N LEU B 36 17.97 27.53 -41.92
CA LEU B 36 19.13 28.24 -41.38
C LEU B 36 18.75 29.71 -41.29
N THR B 37 18.72 30.22 -40.06
CA THR B 37 18.44 31.62 -39.80
C THR B 37 19.76 32.33 -39.52
N ASP B 38 19.71 33.65 -39.35
CA ASP B 38 20.86 34.38 -38.84
C ASP B 38 20.58 34.80 -37.40
N ASN B 39 19.59 34.14 -36.77
CA ASN B 39 19.33 34.30 -35.35
C ASN B 39 20.48 33.66 -34.56
N ILE B 40 21.11 34.48 -33.70
CA ILE B 40 22.25 34.06 -32.88
C ILE B 40 21.83 32.93 -31.94
N LEU B 41 20.55 32.89 -31.57
CA LEU B 41 20.03 31.90 -30.63
C LEU B 41 19.99 30.50 -31.25
N GLN B 42 20.02 30.39 -32.58
CA GLN B 42 19.92 29.09 -33.23
C GLN B 42 21.27 28.42 -33.21
N PRO B 43 21.45 27.26 -32.51
CA PRO B 43 22.70 26.54 -32.58
C PRO B 43 22.96 26.07 -34.00
N LYS B 44 24.21 26.20 -34.47
CA LYS B 44 24.51 25.82 -35.84
C LYS B 44 25.99 25.42 -35.96
N ARG B 45 26.32 24.82 -37.11
CA ARG B 45 27.66 24.36 -37.40
C ARG B 45 28.66 25.50 -37.17
N SER B 46 29.73 25.18 -36.47
CA SER B 46 30.84 26.09 -36.27
C SER B 46 31.70 26.15 -37.54
N SER B 47 32.32 27.32 -37.79
CA SER B 47 33.21 27.45 -38.94
C SER B 47 34.49 26.61 -38.74
N ASP B 48 34.77 26.18 -37.50
CA ASP B 48 35.97 25.43 -37.22
C ASP B 48 35.66 23.94 -36.98
N PHE B 49 34.49 23.47 -37.46
CA PHE B 49 34.09 22.07 -37.34
C PHE B 49 35.14 21.13 -37.94
N MET B 50 35.48 20.09 -37.18
CA MET B 50 36.23 18.93 -37.65
C MET B 50 35.56 17.67 -37.12
N ALA B 51 35.54 16.60 -37.93
CA ALA B 51 34.94 15.32 -37.54
C ALA B 51 35.50 14.81 -36.20
N PHE B 52 34.60 14.35 -35.33
CA PHE B 52 34.98 13.66 -34.10
C PHE B 52 35.12 12.18 -34.40
N LYS B 53 36.39 11.74 -34.44
CA LYS B 53 36.73 10.33 -34.59
C LYS B 53 37.34 9.89 -33.25
N TYR B 54 36.52 9.22 -32.45
CA TYR B 54 36.90 8.89 -31.09
C TYR B 54 38.16 8.02 -31.13
N GLU B 55 39.02 8.21 -30.13
CA GLU B 55 40.29 7.53 -30.10
C GLU B 55 40.13 6.01 -30.09
N TYR B 56 39.00 5.49 -29.61
CA TYR B 56 38.69 4.07 -29.80
C TYR B 56 37.56 3.92 -30.82
N SER B 57 37.85 3.25 -31.93
CA SER B 57 36.81 2.88 -32.90
C SER B 57 35.98 1.76 -32.29
N THR B 58 34.85 1.44 -32.92
CA THR B 58 34.04 0.32 -32.48
C THR B 58 34.86 -0.97 -32.51
N VAL B 59 35.66 -1.17 -33.56
CA VAL B 59 36.49 -2.36 -33.68
C VAL B 59 37.57 -2.36 -32.59
N ASP B 60 38.16 -1.20 -32.28
CA ASP B 60 39.11 -1.12 -31.18
C ASP B 60 38.47 -1.59 -29.86
N LEU B 61 37.23 -1.15 -29.61
CA LEU B 61 36.55 -1.51 -28.37
C LEU B 61 36.26 -3.01 -28.34
N TYR B 62 35.87 -3.60 -29.48
CA TYR B 62 35.70 -5.04 -29.58
C TYR B 62 37.00 -5.77 -29.18
N ARG B 63 38.12 -5.33 -29.74
CA ARG B 63 39.40 -6.01 -29.55
C ARG B 63 39.93 -5.80 -28.13
N GLU B 64 39.69 -4.61 -27.56
CA GLU B 64 40.39 -4.20 -26.34
C GLU B 64 39.52 -4.31 -25.10
N PHE B 65 38.18 -4.17 -25.23
CA PHE B 65 37.32 -4.00 -24.05
C PHE B 65 36.21 -5.05 -23.94
N SER B 66 35.75 -5.66 -25.05
CA SER B 66 34.58 -6.56 -24.99
C SER B 66 34.75 -7.69 -23.98
N GLU B 67 35.89 -8.38 -24.02
CA GLU B 67 36.12 -9.49 -23.11
C GLU B 67 36.02 -9.03 -21.65
N SER B 68 36.67 -7.90 -21.34
CA SER B 68 36.67 -7.38 -19.97
C SER B 68 35.24 -7.08 -19.50
N ILE B 69 34.45 -6.40 -20.34
CA ILE B 69 33.08 -6.04 -20.01
C ILE B 69 32.21 -7.28 -19.83
N MET B 70 32.39 -8.30 -20.68
CA MET B 70 31.59 -9.51 -20.55
C MET B 70 32.01 -10.31 -19.32
N ASP B 71 33.29 -10.28 -18.99
CA ASP B 71 33.76 -10.89 -17.74
C ASP B 71 33.06 -10.26 -16.53
N LYS B 72 33.05 -8.92 -16.48
CA LYS B 72 32.44 -8.18 -15.39
C LYS B 72 30.93 -8.42 -15.38
N ALA B 73 30.30 -8.36 -16.57
CA ALA B 73 28.87 -8.55 -16.66
C ALA B 73 28.41 -9.89 -16.12
N ARG B 74 29.11 -10.97 -16.48
CA ARG B 74 28.67 -12.29 -16.06
C ARG B 74 28.69 -12.37 -14.53
N SER B 75 29.71 -11.78 -13.92
CA SER B 75 29.84 -11.80 -12.47
C SER B 75 28.73 -10.96 -11.84
N GLU B 76 28.48 -9.78 -12.39
CA GLU B 76 27.46 -8.89 -11.86
C GLU B 76 26.05 -9.46 -11.99
N VAL B 77 25.75 -10.13 -13.12
CA VAL B 77 24.46 -10.78 -13.29
C VAL B 77 24.31 -11.92 -12.25
N GLU B 78 25.37 -12.71 -12.06
CA GLU B 78 25.33 -13.75 -11.04
C GLU B 78 25.05 -13.16 -9.66
N ILE B 79 25.72 -12.06 -9.30
CA ILE B 79 25.49 -11.41 -8.00
C ILE B 79 24.04 -10.92 -7.90
N LEU B 80 23.54 -10.26 -8.94
CA LEU B 80 22.18 -9.73 -8.94
C LEU B 80 21.16 -10.87 -8.80
N GLU B 81 21.42 -12.00 -9.48
CA GLU B 81 20.48 -13.10 -9.40
C GLU B 81 20.50 -13.73 -8.02
N SER B 82 21.68 -13.75 -7.39
CA SER B 82 21.81 -14.28 -6.05
C SER B 82 21.06 -13.39 -5.04
N VAL B 83 21.19 -12.08 -5.19
CA VAL B 83 20.46 -11.13 -4.38
C VAL B 83 18.96 -11.39 -4.49
N ASN B 84 18.45 -11.59 -5.71
CA ASN B 84 17.03 -11.82 -5.91
C ASN B 84 16.58 -13.17 -5.34
N ARG B 85 17.44 -14.22 -5.46
CA ARG B 85 17.08 -15.52 -4.91
C ARG B 85 16.92 -15.45 -3.39
N GLN B 86 17.78 -14.67 -2.74
CA GLN B 86 17.83 -14.54 -1.29
C GLN B 86 16.90 -13.43 -0.77
N GLY B 87 16.42 -12.55 -1.66
CA GLY B 87 15.71 -11.36 -1.28
C GLY B 87 14.19 -11.55 -1.22
N ARG B 88 13.49 -10.50 -0.77
CA ARG B 88 12.06 -10.54 -0.54
C ARG B 88 11.29 -10.50 -1.86
N TYR B 89 11.76 -9.65 -2.77
CA TYR B 89 11.11 -9.44 -4.05
C TYR B 89 11.68 -10.33 -5.13
N LYS B 90 10.77 -11.02 -5.82
CA LYS B 90 11.13 -11.95 -6.87
C LYS B 90 10.82 -11.30 -8.21
N PRO B 91 11.58 -11.65 -9.28
CA PRO B 91 11.37 -11.06 -10.61
C PRO B 91 10.16 -11.65 -11.35
N ASN B 92 8.98 -11.39 -10.80
CA ASN B 92 7.73 -11.74 -11.44
C ASN B 92 6.69 -10.68 -11.08
N VAL B 93 5.66 -10.60 -11.90
CA VAL B 93 4.65 -9.57 -11.80
C VAL B 93 3.99 -9.58 -10.41
N GLU B 94 3.65 -10.78 -9.91
CA GLU B 94 2.86 -10.89 -8.68
C GLU B 94 3.65 -10.40 -7.47
N SER B 95 4.94 -10.77 -7.39
CA SER B 95 5.80 -10.36 -6.31
C SER B 95 6.04 -8.85 -6.36
N LEU B 96 6.38 -8.32 -7.55
CA LEU B 96 6.72 -6.90 -7.66
C LEU B 96 5.50 -6.01 -7.39
N LYS B 97 4.30 -6.50 -7.75
CA LYS B 97 3.07 -5.75 -7.55
C LYS B 97 2.83 -5.44 -6.07
N LEU B 98 3.34 -6.29 -5.17
CA LEU B 98 3.10 -6.10 -3.73
C LEU B 98 3.90 -4.93 -3.17
N HIS B 99 4.97 -4.51 -3.86
CA HIS B 99 5.69 -3.32 -3.46
C HIS B 99 4.76 -2.12 -3.57
N GLU B 100 4.79 -1.21 -2.60
CA GLU B 100 3.86 -0.07 -2.60
C GLU B 100 4.61 1.24 -2.84
N VAL B 101 3.83 2.23 -3.31
CA VAL B 101 4.31 3.59 -3.43
C VAL B 101 4.76 4.08 -2.05
N PRO B 102 6.00 4.60 -1.89
CA PRO B 102 6.46 5.14 -0.62
C PRO B 102 5.70 6.40 -0.26
N GLU B 103 5.52 6.60 1.06
CA GLU B 103 4.91 7.80 1.59
C GLU B 103 5.54 9.06 0.96
N TRP B 104 6.87 9.10 0.84
CA TRP B 104 7.53 10.31 0.36
C TRP B 104 7.09 10.69 -1.05
N PHE B 105 6.73 9.69 -1.88
CA PHE B 105 6.36 9.92 -3.26
C PHE B 105 4.91 10.42 -3.35
N GLU B 106 4.02 9.87 -2.51
CA GLU B 106 2.68 10.42 -2.36
C GLU B 106 2.73 11.89 -1.96
N ASP B 107 3.67 12.19 -1.04
CA ASP B 107 3.78 13.50 -0.41
C ASP B 107 4.50 14.53 -1.29
N ALA B 108 5.28 14.09 -2.27
CA ALA B 108 6.24 14.95 -2.97
C ALA B 108 5.56 15.98 -3.86
N LYS B 109 4.64 15.53 -4.72
CA LYS B 109 3.83 16.32 -5.64
C LYS B 109 4.59 16.93 -6.81
N LEU B 110 5.86 17.36 -6.60
CA LEU B 110 6.61 18.04 -7.64
C LEU B 110 8.02 17.43 -7.71
N GLY B 111 8.39 17.02 -8.92
CA GLY B 111 9.74 16.60 -9.22
C GLY B 111 10.30 17.43 -10.37
N ILE B 112 11.64 17.48 -10.45
CA ILE B 112 12.32 18.13 -11.57
C ILE B 112 12.94 17.04 -12.44
N PHE B 113 12.69 17.13 -13.75
CA PHE B 113 13.14 16.15 -14.72
C PHE B 113 14.16 16.83 -15.61
N LEU B 114 15.44 16.53 -15.40
CA LEU B 114 16.48 17.26 -16.11
C LEU B 114 16.77 16.60 -17.45
N ASP B 115 16.18 17.19 -18.51
CA ASP B 115 16.30 16.65 -19.86
C ASP B 115 17.47 17.34 -20.55
N TRP B 116 18.65 16.74 -20.41
CA TRP B 116 19.92 17.28 -20.85
C TRP B 116 20.74 16.13 -21.43
N GLY B 117 21.29 16.35 -22.62
CA GLY B 117 22.08 15.34 -23.29
C GLY B 117 22.58 15.87 -24.62
N PRO B 118 23.20 15.04 -25.49
CA PRO B 118 23.77 15.54 -26.73
C PRO B 118 22.77 16.30 -27.62
N TRP B 119 21.49 15.90 -27.58
CA TRP B 119 20.40 16.56 -28.29
C TRP B 119 20.22 18.02 -27.89
N SER B 120 20.72 18.37 -26.71
CA SER B 120 20.59 19.73 -26.19
C SER B 120 21.39 20.70 -27.05
N VAL B 121 22.44 20.20 -27.72
CA VAL B 121 23.28 21.04 -28.56
C VAL B 121 22.44 21.62 -29.70
N PRO B 122 21.87 20.82 -30.63
CA PRO B 122 21.08 21.40 -31.73
C PRO B 122 19.81 22.07 -31.26
N GLY B 123 19.22 21.55 -30.18
CA GLY B 123 18.08 22.20 -29.55
C GLY B 123 16.91 22.48 -30.50
N TYR B 124 16.49 21.45 -31.25
CA TYR B 124 15.49 21.66 -32.28
C TYR B 124 14.40 20.58 -32.32
N ALA B 125 13.17 21.06 -32.42
CA ALA B 125 12.07 20.35 -33.05
C ALA B 125 11.20 21.39 -33.73
N PRO B 126 10.33 21.01 -34.68
CA PRO B 126 9.35 21.97 -35.20
C PRO B 126 8.46 22.51 -34.08
N LEU B 127 8.19 23.83 -34.09
CA LEU B 127 7.24 24.40 -33.14
C LEU B 127 5.86 23.74 -33.27
N LYS B 128 5.45 23.46 -34.51
CA LYS B 128 4.20 22.74 -34.75
C LYS B 128 4.41 21.68 -35.83
N GLY B 129 3.61 20.61 -35.77
CA GLY B 129 3.50 19.68 -36.88
C GLY B 129 4.29 18.37 -36.72
N ALA B 130 5.19 18.27 -35.70
CA ALA B 130 5.95 17.03 -35.48
C ALA B 130 5.68 16.47 -34.09
N GLU B 131 4.46 16.68 -33.58
CA GLU B 131 4.04 16.12 -32.30
C GLU B 131 3.94 14.59 -32.42
N ALA B 132 4.40 13.89 -31.39
CA ALA B 132 4.13 12.46 -31.26
C ALA B 132 2.70 12.26 -30.73
N SER B 133 2.32 10.99 -30.52
CA SER B 133 0.96 10.63 -30.12
C SER B 133 0.62 11.15 -28.72
N THR B 134 1.64 11.49 -27.92
CA THR B 134 1.46 12.09 -26.60
C THR B 134 0.93 13.53 -26.66
N GLY B 135 1.16 14.21 -27.80
CA GLY B 135 0.87 15.64 -27.94
C GLY B 135 2.12 16.51 -27.72
N GLY B 136 3.19 15.90 -27.20
CA GLY B 136 4.45 16.58 -27.05
C GLY B 136 5.24 16.62 -28.35
N SER B 137 6.31 17.42 -28.36
CA SER B 137 7.31 17.38 -29.39
C SER B 137 8.66 17.01 -28.75
N TYR B 138 9.61 16.54 -29.56
CA TYR B 138 10.77 15.85 -29.03
C TYR B 138 12.06 16.35 -29.68
N PRO B 139 12.55 17.54 -29.27
CA PRO B 139 13.96 17.87 -29.50
C PRO B 139 14.90 16.77 -29.01
N ASP B 140 14.51 16.06 -27.93
CA ASP B 140 15.38 15.03 -27.37
C ASP B 140 15.42 13.76 -28.21
N TRP B 141 14.69 13.69 -29.34
CA TRP B 141 14.85 12.61 -30.31
C TRP B 141 15.72 13.02 -31.50
N TYR B 142 16.35 14.21 -31.46
CA TYR B 142 17.11 14.73 -32.59
C TYR B 142 18.20 13.75 -33.06
N GLU B 143 18.92 13.08 -32.14
CA GLU B 143 19.99 12.19 -32.55
C GLU B 143 19.51 11.09 -33.51
N PHE B 144 18.24 10.68 -33.34
CA PHE B 144 17.62 9.67 -34.19
C PHE B 144 16.97 10.31 -35.44
N LEU B 145 16.19 11.38 -35.22
CA LEU B 145 15.36 11.98 -36.25
C LEU B 145 16.17 12.84 -37.23
N MET B 146 17.43 13.19 -36.90
CA MET B 146 18.30 13.94 -37.80
C MET B 146 18.54 13.20 -39.13
N ASP B 147 18.29 11.87 -39.14
CA ASP B 147 18.49 11.04 -40.32
C ASP B 147 17.22 10.89 -41.15
N ASN B 148 16.09 11.43 -40.69
CA ASN B 148 14.82 11.17 -41.38
C ASN B 148 13.92 12.41 -41.23
N LEU B 149 13.12 12.50 -40.16
CA LEU B 149 12.13 13.55 -40.00
C LEU B 149 12.79 14.94 -39.98
N TYR B 150 13.93 15.10 -39.30
CA TYR B 150 14.60 16.39 -39.16
C TYR B 150 15.78 16.52 -40.13
N LYS B 151 15.87 15.69 -41.18
CA LYS B 151 17.06 15.63 -42.02
C LYS B 151 17.26 16.92 -42.83
N GLU B 152 16.18 17.56 -43.28
CA GLU B 152 16.28 18.80 -44.03
C GLU B 152 16.86 19.89 -43.16
N TYR B 153 16.34 20.03 -41.94
CA TYR B 153 16.88 20.96 -40.98
C TYR B 153 18.36 20.64 -40.73
N HIS B 154 18.65 19.37 -40.42
CA HIS B 154 20.03 19.02 -40.09
C HIS B 154 20.99 19.38 -41.23
N ASP B 155 20.62 18.99 -42.45
CA ASP B 155 21.50 19.20 -43.60
C ASP B 155 21.79 20.69 -43.82
N GLU B 156 20.81 21.55 -43.55
CA GLU B 156 20.93 22.97 -43.82
C GLU B 156 21.67 23.70 -42.69
N VAL B 157 21.49 23.24 -41.45
CA VAL B 157 21.94 23.97 -40.26
C VAL B 157 23.27 23.42 -39.74
N TRP B 158 23.46 22.09 -39.83
CA TRP B 158 24.65 21.41 -39.32
C TRP B 158 25.52 20.86 -40.43
N GLY B 159 24.88 20.32 -41.49
CA GLY B 159 25.58 19.74 -42.61
C GLY B 159 25.46 18.22 -42.67
N ALA B 160 25.36 17.70 -43.89
CA ALA B 160 25.21 16.26 -44.13
C ALA B 160 26.40 15.46 -43.60
N ASP B 161 27.55 16.10 -43.50
CA ASP B 161 28.78 15.45 -43.06
C ASP B 161 28.90 15.48 -41.53
N PHE B 162 27.99 16.20 -40.87
CA PHE B 162 27.97 16.31 -39.42
C PHE B 162 27.12 15.16 -38.89
N ARG B 163 27.77 14.24 -38.15
N ARG B 163 27.76 14.24 -38.15
CA ARG B 163 27.15 13.01 -37.69
CA ARG B 163 27.11 13.02 -37.70
C ARG B 163 26.63 13.19 -36.27
C ARG B 163 26.60 13.21 -36.28
N ARG B 164 25.78 12.24 -35.84
CA ARG B 164 25.23 12.25 -34.49
C ARG B 164 26.31 12.54 -33.44
N ASP B 165 27.44 11.81 -33.51
CA ASP B 165 28.42 11.90 -32.44
C ASP B 165 29.21 13.21 -32.46
N ASP B 166 29.07 14.03 -33.54
CA ASP B 166 29.72 15.34 -33.56
C ASP B 166 29.04 16.30 -32.58
N PHE B 167 27.89 15.93 -32.04
CA PHE B 167 27.27 16.72 -30.99
C PHE B 167 27.97 16.52 -29.64
N LEU B 168 28.61 15.37 -29.43
CA LEU B 168 29.11 15.02 -28.09
C LEU B 168 30.17 16.01 -27.62
N PRO B 169 31.19 16.41 -28.43
CA PRO B 169 32.16 17.40 -27.94
C PRO B 169 31.55 18.77 -27.64
N LEU B 170 30.40 19.07 -28.25
CA LEU B 170 29.74 20.35 -28.05
C LEU B 170 28.88 20.37 -26.78
N LEU B 171 28.72 19.21 -26.14
CA LEU B 171 27.99 19.13 -24.88
C LEU B 171 29.00 19.43 -23.76
N THR B 172 29.34 20.71 -23.64
CA THR B 172 30.50 21.12 -22.87
C THR B 172 30.21 21.12 -21.36
N GLY B 173 28.95 21.40 -20.98
CA GLY B 173 28.59 21.62 -19.58
C GLY B 173 29.30 22.80 -18.91
N GLU B 174 29.88 23.71 -19.70
CA GLU B 174 30.64 24.83 -19.14
C GLU B 174 29.76 25.70 -18.27
N ASN B 175 28.45 25.72 -18.53
CA ASN B 175 27.51 26.51 -17.74
C ASN B 175 26.63 25.62 -16.84
N PHE B 176 27.02 24.36 -16.66
CA PHE B 176 26.24 23.41 -15.89
C PHE B 176 26.85 23.30 -14.51
N ASN B 177 26.13 23.81 -13.51
CA ASN B 177 26.52 23.68 -12.11
C ASN B 177 25.53 22.80 -11.38
N SER B 178 25.98 21.62 -10.91
CA SER B 178 25.08 20.66 -10.33
C SER B 178 24.45 21.14 -9.03
N GLU B 179 25.23 21.84 -8.19
CA GLU B 179 24.67 22.36 -6.95
C GLU B 179 23.57 23.40 -7.26
N GLU B 180 23.83 24.26 -8.26
CA GLU B 180 22.85 25.27 -8.66
C GLU B 180 21.57 24.62 -9.15
N TYR B 181 21.68 23.56 -9.96
CA TYR B 181 20.49 22.86 -10.42
C TYR B 181 19.74 22.22 -9.25
N MET B 182 20.46 21.64 -8.27
CA MET B 182 19.78 21.03 -7.13
C MET B 182 19.05 22.12 -6.31
N LEU B 183 19.70 23.27 -6.12
CA LEU B 183 19.08 24.37 -5.37
C LEU B 183 17.90 24.97 -6.12
N LEU B 184 17.96 25.00 -7.45
CA LEU B 184 16.83 25.42 -8.25
C LEU B 184 15.63 24.51 -7.97
N ALA B 185 15.88 23.19 -7.97
CA ALA B 185 14.84 22.23 -7.66
C ALA B 185 14.29 22.45 -6.25
N VAL B 186 15.18 22.60 -5.24
CA VAL B 186 14.76 22.81 -3.87
C VAL B 186 13.87 24.06 -3.78
N ASN B 187 14.37 25.15 -4.36
CA ASN B 187 13.72 26.45 -4.29
C ASN B 187 12.42 26.51 -5.11
N SER B 188 12.22 25.58 -6.05
N SER B 188 12.22 25.59 -6.07
CA SER B 188 11.00 25.52 -6.82
CA SER B 188 10.99 25.53 -6.83
C SER B 188 9.89 24.84 -6.04
C SER B 188 9.89 24.79 -6.08
N GLY B 189 10.23 24.16 -4.93
CA GLY B 189 9.29 23.37 -4.16
C GLY B 189 9.34 21.88 -4.54
N ALA B 190 10.29 21.46 -5.37
CA ALA B 190 10.38 20.07 -5.77
C ALA B 190 10.92 19.21 -4.63
N LYS B 191 10.51 17.93 -4.61
CA LYS B 191 10.89 16.98 -3.58
C LYS B 191 11.63 15.77 -4.15
N TYR B 192 11.74 15.73 -5.49
CA TYR B 192 12.64 14.76 -6.12
C TYR B 192 13.20 15.34 -7.40
N PHE B 193 14.37 14.80 -7.77
CA PHE B 193 15.15 15.27 -8.88
C PHE B 193 15.56 14.06 -9.72
N VAL B 194 15.12 14.03 -10.97
CA VAL B 194 15.35 12.92 -11.88
C VAL B 194 16.17 13.43 -13.07
N PRO B 195 17.49 13.21 -13.11
CA PRO B 195 18.27 13.56 -14.29
C PRO B 195 18.04 12.51 -15.38
N PHE B 196 18.17 12.91 -16.65
CA PHE B 196 18.17 11.95 -17.76
C PHE B 196 19.51 11.20 -17.76
N THR B 197 19.67 10.24 -16.85
CA THR B 197 20.98 9.62 -16.66
C THR B 197 21.42 8.82 -17.89
N LYS B 198 20.49 8.18 -18.60
CA LYS B 198 20.84 7.55 -19.87
C LYS B 198 19.62 7.43 -20.78
N HIS B 199 19.66 8.17 -21.87
CA HIS B 199 18.58 8.21 -22.86
C HIS B 199 18.86 7.24 -24.00
N HIS B 200 18.12 7.34 -25.12
CA HIS B 200 18.01 6.26 -26.10
C HIS B 200 19.28 6.02 -26.93
N ALA B 201 20.16 7.02 -27.04
CA ALA B 201 21.40 6.82 -27.77
C ALA B 201 22.52 6.29 -26.85
N GLY B 202 22.25 6.18 -25.54
CA GLY B 202 23.14 5.46 -24.63
C GLY B 202 24.27 6.29 -24.01
N TRP B 203 24.26 7.62 -24.11
CA TRP B 203 25.24 8.42 -23.38
C TRP B 203 24.86 8.43 -21.89
N THR B 204 25.79 8.02 -21.02
CA THR B 204 25.52 7.97 -19.59
C THR B 204 26.03 9.25 -18.92
N MET B 205 25.20 9.84 -18.07
CA MET B 205 25.59 10.98 -17.24
C MET B 205 26.58 10.57 -16.16
N TRP B 206 26.68 9.27 -15.85
CA TRP B 206 27.58 8.78 -14.83
C TRP B 206 28.81 8.14 -15.48
N GLU B 207 29.90 8.07 -14.71
CA GLU B 207 31.12 7.44 -15.15
C GLU B 207 30.93 5.92 -15.08
N SER B 208 30.67 5.30 -16.23
CA SER B 208 30.37 3.87 -16.29
C SER B 208 31.59 3.09 -16.76
N GLU B 209 31.78 1.90 -16.17
CA GLU B 209 32.77 0.94 -16.65
C GLU B 209 32.27 0.13 -17.85
N PHE B 210 31.00 0.31 -18.24
CA PHE B 210 30.38 -0.54 -19.26
C PHE B 210 30.25 0.15 -20.61
N THR B 211 30.64 1.44 -20.66
CA THR B 211 30.58 2.23 -21.89
C THR B 211 31.58 3.37 -21.78
N LYS B 212 32.18 3.77 -22.89
CA LYS B 212 32.99 4.96 -22.95
C LYS B 212 32.14 6.13 -23.45
N ARG B 213 30.87 5.86 -23.80
CA ARG B 213 29.92 6.93 -24.13
C ARG B 213 29.32 7.46 -22.84
N ASN B 214 30.18 8.11 -22.05
CA ASN B 214 29.82 8.61 -20.73
C ASN B 214 30.35 10.03 -20.58
N ALA B 215 29.82 10.72 -19.57
CA ALA B 215 30.01 12.14 -19.37
C ALA B 215 31.46 12.49 -19.04
N VAL B 216 32.26 11.52 -18.53
CA VAL B 216 33.66 11.78 -18.27
C VAL B 216 34.48 11.72 -19.56
N GLU B 217 34.22 10.71 -20.40
CA GLU B 217 35.02 10.47 -21.60
C GLU B 217 34.53 11.27 -22.80
N MET B 218 33.28 11.75 -22.77
CA MET B 218 32.67 12.45 -23.90
C MET B 218 31.76 13.57 -23.40
N GLY B 219 31.96 14.77 -23.92
CA GLY B 219 31.13 15.91 -23.54
C GLY B 219 31.73 16.73 -22.40
N PRO B 220 31.13 16.75 -21.20
CA PRO B 220 31.57 17.67 -20.15
C PRO B 220 32.82 17.31 -19.37
N GLY B 221 33.27 16.05 -19.47
CA GLY B 221 34.48 15.58 -18.81
C GLY B 221 34.35 15.46 -17.29
N ARG B 222 33.13 15.19 -16.83
CA ARG B 222 32.79 15.13 -15.41
C ARG B 222 31.78 14.01 -15.20
N ASP B 223 31.78 13.41 -14.00
CA ASP B 223 30.69 12.53 -13.62
C ASP B 223 29.54 13.41 -13.14
N ILE B 224 28.67 13.78 -14.10
CA ILE B 224 27.58 14.72 -13.85
C ILE B 224 26.60 14.12 -12.83
N TYR B 225 26.32 12.81 -12.97
CA TYR B 225 25.40 12.18 -12.05
C TYR B 225 25.95 12.21 -10.63
N LYS B 226 27.24 11.88 -10.45
CA LYS B 226 27.87 11.90 -9.15
C LYS B 226 27.68 13.30 -8.53
N GLU B 227 27.95 14.36 -9.31
CA GLU B 227 27.83 15.71 -8.78
C GLU B 227 26.40 15.97 -8.30
N LEU B 228 25.39 15.56 -9.08
CA LEU B 228 23.99 15.77 -8.73
C LEU B 228 23.58 14.94 -7.51
N ILE B 229 24.09 13.70 -7.43
CA ILE B 229 23.82 12.83 -6.30
C ILE B 229 24.40 13.45 -5.03
N GLU B 230 25.62 13.98 -5.11
CA GLU B 230 26.25 14.59 -3.94
C GLU B 230 25.43 15.83 -3.51
N ALA B 231 24.97 16.63 -4.48
CA ALA B 231 24.17 17.79 -4.15
C ALA B 231 22.84 17.34 -3.53
N GLY B 232 22.21 16.29 -4.09
CA GLY B 232 20.96 15.79 -3.54
C GLY B 232 21.10 15.33 -2.09
N LYS B 233 22.22 14.67 -1.77
CA LYS B 233 22.49 14.27 -0.39
C LYS B 233 22.63 15.52 0.51
N LYS B 234 23.38 16.50 0.02
CA LYS B 234 23.64 17.72 0.79
C LYS B 234 22.33 18.43 1.14
N TYR B 235 21.36 18.43 0.20
CA TYR B 235 20.12 19.18 0.36
C TYR B 235 18.92 18.28 0.64
N ASP B 236 19.16 17.01 1.00
CA ASP B 236 18.09 16.11 1.43
C ASP B 236 17.00 15.97 0.37
N MET B 237 17.43 15.76 -0.88
CA MET B 237 16.52 15.63 -2.01
C MET B 237 16.50 14.18 -2.47
N LYS B 238 15.28 13.64 -2.69
CA LYS B 238 15.14 12.32 -3.30
C LYS B 238 15.65 12.37 -4.73
N MET B 239 16.40 11.33 -5.13
CA MET B 239 17.11 11.32 -6.40
C MET B 239 16.60 10.17 -7.27
N GLY B 240 16.28 10.48 -8.52
CA GLY B 240 15.90 9.49 -9.50
C GLY B 240 17.08 9.04 -10.37
N PHE B 241 16.83 7.91 -11.04
CA PHE B 241 17.73 7.29 -12.01
C PHE B 241 16.89 6.98 -13.24
N TYR B 242 17.02 7.83 -14.27
CA TYR B 242 16.33 7.64 -15.54
C TYR B 242 17.16 6.71 -16.41
N PHE B 243 16.51 5.69 -16.96
CA PHE B 243 17.26 4.63 -17.64
C PHE B 243 16.48 4.08 -18.83
N SER B 244 17.00 4.35 -20.04
CA SER B 244 16.45 3.78 -21.26
C SER B 244 16.85 2.31 -21.34
N VAL B 245 15.84 1.42 -21.30
CA VAL B 245 16.08 -0.02 -21.28
C VAL B 245 16.80 -0.46 -22.55
N SER B 246 16.21 -0.06 -23.69
CA SER B 246 16.81 -0.29 -24.99
C SER B 246 17.53 0.97 -25.45
N GLU B 247 18.37 0.80 -26.47
CA GLU B 247 19.01 1.90 -27.17
C GLU B 247 18.73 1.76 -28.67
N TRP B 248 18.84 2.87 -29.41
CA TRP B 248 18.47 2.86 -30.82
C TRP B 248 19.34 1.87 -31.61
N GLU B 249 20.65 1.86 -31.34
CA GLU B 249 21.58 0.96 -32.01
C GLU B 249 22.62 0.52 -30.97
N TYR B 250 23.05 -0.74 -31.06
CA TYR B 250 24.11 -1.20 -30.16
C TYR B 250 24.95 -2.24 -30.90
N PRO B 251 26.29 -2.11 -30.90
CA PRO B 251 27.13 -3.07 -31.63
C PRO B 251 27.18 -4.39 -30.86
N VAL B 252 26.87 -5.49 -31.55
CA VAL B 252 26.89 -6.79 -30.90
C VAL B 252 27.79 -7.77 -31.65
N ILE B 253 28.24 -8.78 -30.89
CA ILE B 253 29.13 -9.81 -31.37
C ILE B 253 28.26 -10.98 -31.83
N VAL B 254 28.49 -11.45 -33.06
CA VAL B 254 27.67 -12.49 -33.67
C VAL B 254 28.58 -13.57 -34.24
N ASP B 255 28.07 -14.81 -34.25
CA ASP B 255 28.79 -15.95 -34.80
C ASP B 255 28.88 -15.83 -36.32
N GLN B 256 27.75 -15.54 -36.95
CA GLN B 256 27.63 -15.45 -38.39
C GLN B 256 27.28 -14.01 -38.81
N ASN B 257 27.91 -13.54 -39.89
CA ASN B 257 27.62 -12.23 -40.45
C ASN B 257 26.30 -12.30 -41.20
N LEU B 258 25.79 -11.13 -41.59
CA LEU B 258 24.40 -11.00 -42.01
C LEU B 258 24.27 -10.88 -43.52
N SER B 259 25.37 -10.58 -44.21
CA SER B 259 25.32 -10.42 -45.65
C SER B 259 26.73 -10.55 -46.21
N GLN B 260 26.78 -10.76 -47.52
CA GLN B 260 28.02 -10.86 -48.26
C GLN B 260 28.73 -9.51 -48.30
N TRP B 261 28.03 -8.42 -47.96
CA TRP B 261 28.60 -7.08 -48.01
C TRP B 261 29.29 -6.67 -46.70
N ASP B 262 29.03 -7.40 -45.62
CA ASP B 262 29.52 -7.03 -44.30
C ASP B 262 31.04 -6.92 -44.28
N PRO B 263 31.62 -5.77 -43.90
CA PRO B 263 33.07 -5.58 -43.93
C PRO B 263 33.83 -6.12 -42.71
N VAL B 264 33.12 -6.36 -41.60
CA VAL B 264 33.77 -6.69 -40.35
C VAL B 264 33.16 -7.96 -39.81
N LYS B 265 34.00 -9.00 -39.71
CA LYS B 265 33.59 -10.30 -39.19
C LYS B 265 33.15 -10.15 -37.74
N ASN B 266 32.00 -10.78 -37.45
CA ASN B 266 31.52 -11.04 -36.10
C ASN B 266 30.94 -9.80 -35.40
N LEU B 267 30.77 -8.68 -36.10
CA LEU B 267 30.05 -7.54 -35.52
C LEU B 267 28.82 -7.21 -36.36
N ALA B 268 27.73 -6.90 -35.64
CA ALA B 268 26.48 -6.43 -36.23
C ALA B 268 25.88 -5.36 -35.31
N ILE B 269 24.72 -4.82 -35.70
CA ILE B 269 24.03 -3.78 -34.95
C ILE B 269 22.69 -4.33 -34.46
N PHE B 270 22.52 -4.39 -33.13
CA PHE B 270 21.25 -4.78 -32.53
C PHE B 270 20.27 -3.61 -32.56
N GLN B 271 19.05 -3.91 -33.04
CA GLN B 271 17.95 -2.96 -33.10
C GLN B 271 16.68 -3.68 -32.68
N ASP B 272 15.85 -3.03 -31.85
CA ASP B 272 14.53 -3.55 -31.49
C ASP B 272 13.47 -2.51 -31.88
N ALA B 273 12.33 -2.50 -31.19
CA ALA B 273 11.21 -1.64 -31.58
C ALA B 273 11.36 -0.21 -31.06
N LEU B 274 12.48 0.09 -30.40
CA LEU B 274 12.64 1.39 -29.73
C LEU B 274 12.41 2.55 -30.69
N GLY B 275 12.92 2.44 -31.90
CA GLY B 275 12.91 3.55 -32.87
C GLY B 275 11.52 3.90 -33.40
N GLN B 276 10.55 3.01 -33.23
CA GLN B 276 9.14 3.21 -33.57
C GLN B 276 8.94 3.06 -35.09
N ILE B 277 9.81 3.65 -35.91
CA ILE B 277 9.73 3.44 -37.34
C ILE B 277 10.19 2.02 -37.69
N PRO B 278 9.68 1.43 -38.79
CA PRO B 278 10.18 0.13 -39.23
C PRO B 278 11.69 0.14 -39.46
N ARG B 279 12.37 -0.90 -38.96
CA ARG B 279 13.80 -1.07 -39.11
C ARG B 279 14.11 -2.56 -39.24
N ALA B 280 15.35 -2.88 -39.62
CA ALA B 280 15.83 -4.26 -39.53
C ALA B 280 15.89 -4.67 -38.05
N THR B 281 15.24 -5.77 -37.69
CA THR B 281 15.29 -6.29 -36.33
C THR B 281 15.37 -7.81 -36.42
N PRO B 282 16.09 -8.52 -35.51
CA PRO B 282 16.87 -7.91 -34.43
C PRO B 282 18.24 -7.34 -34.82
N LEU B 283 18.72 -7.61 -36.04
CA LEU B 283 20.08 -7.23 -36.40
C LEU B 283 20.14 -6.51 -37.75
N ALA B 284 20.98 -5.47 -37.80
CA ALA B 284 21.38 -4.81 -39.03
C ALA B 284 22.85 -5.11 -39.28
N SER B 285 23.25 -5.12 -40.55
CA SER B 285 24.66 -5.22 -40.92
C SER B 285 25.41 -3.99 -40.40
N TYR B 286 26.59 -4.23 -39.80
CA TYR B 286 27.49 -3.21 -39.29
C TYR B 286 28.47 -2.73 -40.37
N PHE B 287 28.44 -1.41 -40.61
CA PHE B 287 29.34 -0.76 -41.56
C PHE B 287 30.05 0.37 -40.83
N PRO B 288 31.36 0.28 -40.55
CA PRO B 288 32.04 1.33 -39.81
C PRO B 288 31.76 2.77 -40.29
N ALA B 289 31.75 3.00 -41.62
CA ALA B 289 31.64 4.36 -42.15
C ALA B 289 30.24 4.94 -41.94
N LEU B 290 29.24 4.07 -41.69
CA LEU B 290 27.91 4.51 -41.35
C LEU B 290 27.73 4.59 -39.82
N HIS B 291 28.12 3.52 -39.12
CA HIS B 291 27.71 3.35 -37.74
C HIS B 291 28.67 3.98 -36.73
N ASP B 292 29.97 4.00 -37.00
CA ASP B 292 30.91 4.32 -35.92
C ASP B 292 30.63 5.70 -35.31
N ARG B 293 30.27 6.68 -36.16
CA ARG B 293 29.98 8.03 -35.69
C ARG B 293 28.53 8.23 -35.23
N MET B 294 27.85 7.12 -34.94
N MET B 294 27.83 7.14 -34.91
CA MET B 294 26.55 7.12 -34.27
CA MET B 294 26.60 7.28 -34.15
C MET B 294 26.60 6.39 -32.93
C MET B 294 26.59 6.41 -32.90
N ILE B 295 27.64 5.58 -32.71
CA ILE B 295 27.73 4.68 -31.56
C ILE B 295 29.09 4.80 -30.88
N SER B 296 29.77 5.96 -31.01
CA SER B 296 31.05 6.18 -30.37
C SER B 296 30.96 5.79 -28.89
N GLY B 297 31.93 4.97 -28.45
CA GLY B 297 32.09 4.67 -27.04
C GLY B 297 31.43 3.35 -26.63
N LYS B 298 30.52 2.80 -27.44
CA LYS B 298 29.80 1.61 -27.05
C LYS B 298 30.64 0.36 -27.31
N ILE B 299 30.73 -0.46 -26.26
CA ILE B 299 31.61 -1.63 -26.28
C ILE B 299 30.79 -2.83 -26.74
N PRO B 300 31.17 -3.51 -27.84
CA PRO B 300 30.38 -4.64 -28.31
C PRO B 300 30.25 -5.77 -27.28
N VAL B 301 29.05 -6.36 -27.23
CA VAL B 301 28.81 -7.52 -26.38
C VAL B 301 27.98 -8.55 -27.15
N LYS B 302 27.94 -9.78 -26.63
CA LYS B 302 27.16 -10.83 -27.27
C LYS B 302 25.66 -10.64 -27.02
N ASP B 303 25.29 -10.26 -25.80
CA ASP B 303 23.89 -10.15 -25.40
C ASP B 303 23.68 -8.76 -24.82
N TYR B 304 23.01 -7.87 -25.57
CA TYR B 304 22.78 -6.51 -25.12
C TYR B 304 22.23 -6.46 -23.69
N PHE B 305 21.24 -7.30 -23.38
CA PHE B 305 20.55 -7.22 -22.10
C PHE B 305 21.41 -7.79 -20.97
N ALA B 306 22.00 -8.98 -21.16
CA ALA B 306 22.72 -9.64 -20.09
C ALA B 306 24.10 -9.03 -19.87
N ASP B 307 24.75 -8.61 -20.96
CA ASP B 307 26.15 -8.24 -20.92
C ASP B 307 26.33 -6.73 -20.78
N TYR B 308 25.25 -5.94 -20.92
CA TYR B 308 25.38 -4.49 -20.88
C TYR B 308 24.25 -3.84 -20.07
N MET B 309 22.98 -4.09 -20.41
CA MET B 309 21.88 -3.37 -19.79
C MET B 309 21.83 -3.69 -18.29
N ILE B 310 21.77 -4.98 -17.94
CA ILE B 310 21.61 -5.38 -16.55
C ILE B 310 22.80 -4.89 -15.73
N PRO B 311 24.08 -5.16 -16.11
CA PRO B 311 25.20 -4.72 -15.26
C PRO B 311 25.37 -3.21 -15.17
N SER B 312 25.01 -2.47 -16.23
CA SER B 312 25.10 -1.01 -16.17
C SER B 312 24.01 -0.46 -15.23
N PHE B 313 22.80 -1.01 -15.27
CA PHE B 313 21.75 -0.67 -14.31
C PHE B 313 22.27 -0.91 -12.89
N LYS B 314 22.78 -2.13 -12.66
CA LYS B 314 23.26 -2.50 -11.35
C LYS B 314 24.36 -1.58 -10.84
N GLU B 315 25.29 -1.24 -11.75
CA GLU B 315 26.41 -0.36 -11.44
C GLU B 315 25.90 0.97 -10.90
N ALA B 316 24.99 1.60 -11.64
CA ALA B 316 24.48 2.91 -11.25
C ALA B 316 23.71 2.83 -9.93
N VAL B 317 22.88 1.80 -9.75
CA VAL B 317 22.13 1.64 -8.52
C VAL B 317 23.08 1.51 -7.34
N ASP B 318 24.11 0.66 -7.50
CA ASP B 318 25.03 0.37 -6.42
C ASP B 318 25.87 1.60 -6.07
N LYS B 319 26.31 2.34 -7.08
CA LYS B 319 27.26 3.42 -6.87
C LYS B 319 26.54 4.66 -6.32
N TYR B 320 25.31 4.94 -6.78
CA TYR B 320 24.67 6.23 -6.52
C TYR B 320 23.45 6.13 -5.59
N ASP B 321 22.96 4.90 -5.34
CA ASP B 321 21.89 4.67 -4.37
C ASP B 321 20.70 5.60 -4.61
N PRO B 322 20.08 5.58 -5.81
CA PRO B 322 18.90 6.38 -6.10
C PRO B 322 17.67 5.94 -5.32
N ASP B 323 16.76 6.89 -5.11
CA ASP B 323 15.49 6.65 -4.44
C ASP B 323 14.39 6.19 -5.40
N LEU B 324 14.60 6.37 -6.69
CA LEU B 324 13.56 6.20 -7.71
C LEU B 324 14.22 5.74 -9.00
N VAL B 325 13.59 4.75 -9.65
CA VAL B 325 13.97 4.29 -10.98
C VAL B 325 12.89 4.72 -11.94
N TRP B 326 13.33 5.47 -12.96
CA TRP B 326 12.43 5.95 -14.02
C TRP B 326 12.87 5.25 -15.30
N TYR B 327 12.32 4.06 -15.51
CA TYR B 327 12.57 3.36 -16.76
C TYR B 327 12.00 4.18 -17.92
N ASP B 328 12.63 4.03 -19.09
CA ASP B 328 12.03 4.54 -20.31
C ASP B 328 12.46 3.61 -21.45
N GLY B 329 11.86 3.77 -22.64
CA GLY B 329 12.29 2.98 -23.78
C GLY B 329 12.09 1.49 -23.53
N GLY B 330 11.07 1.15 -22.73
CA GLY B 330 10.77 -0.25 -22.42
C GLY B 330 9.90 -0.94 -23.45
N TRP B 331 9.45 -0.19 -24.49
CA TRP B 331 8.70 -0.73 -25.62
C TRP B 331 9.63 -1.38 -26.66
N GLY B 332 10.95 -1.25 -26.47
CA GLY B 332 11.91 -1.82 -27.41
C GLY B 332 11.73 -3.32 -27.56
N SER B 333 11.72 -3.99 -26.40
CA SER B 333 11.62 -5.43 -26.27
C SER B 333 10.69 -5.75 -25.11
N PRO B 334 9.92 -6.87 -25.16
CA PRO B 334 9.14 -7.31 -24.00
C PRO B 334 10.05 -7.75 -22.86
N VAL B 335 9.53 -7.76 -21.63
CA VAL B 335 10.38 -8.00 -20.47
C VAL B 335 10.85 -9.46 -20.43
N SER B 336 10.19 -10.37 -21.17
CA SER B 336 10.70 -11.73 -21.31
C SER B 336 12.11 -11.71 -21.90
N ILE B 337 12.41 -10.73 -22.75
CA ILE B 337 13.71 -10.59 -23.39
C ILE B 337 14.58 -9.56 -22.64
N SER B 338 14.01 -8.41 -22.27
CA SER B 338 14.83 -7.34 -21.71
C SER B 338 15.25 -7.65 -20.27
N ARG B 339 14.48 -8.51 -19.55
CA ARG B 339 14.80 -8.99 -18.22
C ARG B 339 14.68 -7.88 -17.17
N THR B 340 13.80 -6.89 -17.45
CA THR B 340 13.67 -5.79 -16.50
C THR B 340 12.95 -6.19 -15.21
N MET B 341 12.30 -7.35 -15.15
CA MET B 341 11.75 -7.75 -13.85
C MET B 341 12.90 -8.08 -12.89
N GLU B 342 14.06 -8.50 -13.42
CA GLU B 342 15.22 -8.81 -12.58
C GLU B 342 15.88 -7.54 -12.06
N THR B 343 15.96 -6.49 -12.90
CA THR B 343 16.51 -5.21 -12.45
C THR B 343 15.56 -4.58 -11.43
N SER B 344 14.24 -4.67 -11.65
CA SER B 344 13.27 -4.14 -10.69
C SER B 344 13.35 -4.86 -9.34
N ALA B 345 13.37 -6.20 -9.34
CA ALA B 345 13.49 -6.94 -8.10
C ALA B 345 14.78 -6.56 -7.37
N TYR B 346 15.89 -6.45 -8.13
CA TYR B 346 17.17 -6.11 -7.56
C TYR B 346 17.08 -4.75 -6.86
N PHE B 347 16.50 -3.77 -7.56
CA PHE B 347 16.41 -2.42 -7.01
C PHE B 347 15.68 -2.39 -5.67
N TYR B 348 14.54 -3.08 -5.60
CA TYR B 348 13.81 -3.22 -4.34
C TYR B 348 14.62 -3.96 -3.29
N ASN B 349 15.28 -5.07 -3.68
CA ASN B 349 15.96 -5.92 -2.73
C ASN B 349 17.16 -5.22 -2.11
N GLN B 350 17.94 -4.48 -2.91
CA GLN B 350 19.12 -3.81 -2.38
C GLN B 350 18.71 -2.62 -1.51
N ALA B 351 17.47 -2.12 -1.66
CA ALA B 351 16.97 -1.02 -0.83
C ALA B 351 16.33 -1.52 0.47
N GLU B 352 15.95 -2.79 0.51
CA GLU B 352 15.11 -3.29 1.60
C GLU B 352 15.85 -3.12 2.93
N GLY B 353 15.21 -2.45 3.89
CA GLY B 353 15.82 -2.23 5.20
C GLY B 353 16.77 -1.03 5.23
N LYS B 354 16.98 -0.36 4.08
CA LYS B 354 17.87 0.80 3.99
C LYS B 354 17.07 2.06 3.66
N LYS B 355 16.19 1.99 2.67
CA LYS B 355 15.40 3.15 2.31
C LYS B 355 14.18 2.71 1.50
N ASP B 356 13.16 3.57 1.46
N ASP B 356 13.16 3.57 1.44
CA ASP B 356 11.94 3.29 0.72
CA ASP B 356 11.93 3.29 0.71
C ASP B 356 12.11 3.86 -0.69
C ASP B 356 12.04 3.87 -0.70
N VAL B 357 11.92 3.01 -1.71
CA VAL B 357 12.18 3.40 -3.09
C VAL B 357 10.96 3.11 -3.96
N VAL B 358 10.99 3.62 -5.20
CA VAL B 358 9.84 3.55 -6.09
C VAL B 358 10.34 3.39 -7.53
N ILE B 359 9.52 2.72 -8.36
CA ILE B 359 9.75 2.54 -9.77
C ILE B 359 8.52 3.02 -10.54
N ASN B 360 8.75 3.68 -11.67
CA ASN B 360 7.67 4.04 -12.57
C ASN B 360 7.16 2.77 -13.28
N ASN B 361 6.32 2.94 -14.30
CA ASN B 361 5.62 1.82 -14.92
C ASN B 361 6.15 1.54 -16.33
N ARG B 362 7.41 1.85 -16.61
CA ARG B 362 7.93 1.80 -17.96
C ARG B 362 8.93 0.64 -18.19
N ALA B 363 8.96 -0.36 -17.32
CA ALA B 363 9.85 -1.50 -17.50
C ALA B 363 9.62 -2.24 -18.83
N GLY B 364 8.39 -2.28 -19.32
CA GLY B 364 8.04 -2.99 -20.53
C GLY B 364 6.84 -3.91 -20.36
N SER B 365 6.55 -4.63 -21.45
CA SER B 365 5.36 -5.47 -21.56
C SER B 365 5.61 -6.87 -21.00
N SER B 366 4.59 -7.38 -20.30
CA SER B 366 4.52 -8.76 -19.82
C SER B 366 3.86 -9.69 -20.84
N LEU B 367 3.49 -9.21 -22.02
CA LEU B 367 2.78 -10.04 -23.00
C LEU B 367 3.68 -11.17 -23.51
N SER B 368 3.03 -12.29 -23.85
CA SER B 368 3.67 -13.43 -24.51
C SER B 368 3.94 -13.09 -25.96
N GLU B 369 4.77 -13.91 -26.63
CA GLU B 369 5.02 -13.72 -28.04
C GLU B 369 3.70 -13.76 -28.82
N ASP B 370 2.79 -14.68 -28.44
CA ASP B 370 1.52 -14.87 -29.13
C ASP B 370 0.66 -13.61 -29.06
N ASP B 371 0.62 -12.98 -27.87
CA ASP B 371 -0.18 -11.79 -27.67
C ASP B 371 0.43 -10.58 -28.39
N LEU B 372 1.77 -10.50 -28.46
CA LEU B 372 2.39 -9.41 -29.19
C LEU B 372 2.09 -9.51 -30.69
N ILE B 373 2.00 -10.73 -31.20
CA ILE B 373 1.68 -10.98 -32.60
C ILE B 373 0.24 -10.51 -32.87
N LYS B 374 -0.70 -10.87 -31.98
CA LYS B 374 -2.10 -10.48 -32.13
C LYS B 374 -2.27 -8.97 -32.15
N VAL B 375 -1.47 -8.23 -31.36
CA VAL B 375 -1.56 -6.78 -31.30
C VAL B 375 -1.13 -6.19 -32.65
N ARG B 376 -0.04 -6.72 -33.23
CA ARG B 376 0.50 -6.24 -34.50
C ARG B 376 -0.51 -6.48 -35.63
N ASP B 377 -1.15 -7.66 -35.62
CA ASP B 377 -2.19 -8.02 -36.58
C ASP B 377 -3.35 -7.02 -36.50
N LEU B 378 -3.90 -6.83 -35.29
CA LEU B 378 -4.99 -5.91 -35.05
C LEU B 378 -4.47 -4.47 -35.04
N ASP B 385 -8.17 -0.29 -31.36
CA ASP B 385 -9.09 -0.34 -30.20
C ASP B 385 -9.00 -1.71 -29.52
N GLU B 386 -9.03 -2.78 -30.33
CA GLU B 386 -8.85 -4.14 -29.85
C GLU B 386 -7.37 -4.40 -29.50
N ALA B 387 -6.47 -3.81 -30.29
CA ALA B 387 -5.04 -3.90 -30.09
C ALA B 387 -4.65 -3.21 -28.79
N MET B 388 -5.33 -2.10 -28.45
CA MET B 388 -5.01 -1.29 -27.28
C MET B 388 -5.42 -2.01 -25.99
N LYS B 389 -6.51 -2.78 -26.04
CA LYS B 389 -7.01 -3.49 -24.88
C LYS B 389 -6.06 -4.62 -24.48
N ILE B 390 -5.52 -5.32 -25.48
CA ILE B 390 -4.57 -6.41 -25.23
C ILE B 390 -3.26 -5.82 -24.70
N TYR B 391 -2.78 -4.75 -25.34
CA TYR B 391 -1.54 -4.10 -24.96
C TYR B 391 -1.58 -3.69 -23.48
N LEU B 392 -2.65 -2.99 -23.08
CA LEU B 392 -2.80 -2.50 -21.71
C LEU B 392 -2.84 -3.66 -20.71
N SER B 393 -3.43 -4.81 -21.12
CA SER B 393 -3.43 -5.98 -20.27
C SER B 393 -2.01 -6.47 -19.95
N GLY B 394 -1.05 -6.18 -20.84
CA GLY B 394 0.33 -6.62 -20.62
C GLY B 394 1.20 -5.59 -19.89
N GLN B 395 0.58 -4.48 -19.47
CA GLN B 395 1.29 -3.43 -18.75
C GLN B 395 1.00 -3.59 -17.26
N GLN B 396 1.89 -4.32 -16.58
CA GLN B 396 1.61 -4.87 -15.26
C GLN B 396 2.72 -4.53 -14.27
N LEU B 397 3.74 -3.78 -14.70
CA LEU B 397 4.93 -3.59 -13.88
C LEU B 397 5.08 -2.12 -13.51
N GLY B 398 5.30 -1.86 -12.21
CA GLY B 398 5.65 -0.54 -11.74
C GLY B 398 4.73 -0.04 -10.62
N ASP B 399 5.16 1.00 -9.93
CA ASP B 399 4.47 1.52 -8.76
C ASP B 399 3.45 2.60 -9.11
N TYR B 400 3.63 3.29 -10.24
CA TYR B 400 2.79 4.43 -10.55
C TYR B 400 2.76 4.68 -12.06
N GLY B 401 1.68 5.32 -12.51
CA GLY B 401 1.48 5.64 -13.92
C GLY B 401 2.21 6.92 -14.36
N THR B 402 2.53 6.99 -15.66
CA THR B 402 3.39 8.05 -16.19
C THR B 402 2.77 8.66 -17.46
N PRO B 403 1.55 9.24 -17.40
CA PRO B 403 1.03 9.98 -18.56
C PRO B 403 2.05 11.02 -19.02
N GLU B 404 2.22 11.16 -20.33
CA GLU B 404 3.21 12.04 -20.89
C GLU B 404 2.53 13.19 -21.65
N PHE B 405 2.79 14.41 -21.18
CA PHE B 405 2.25 15.66 -21.73
C PHE B 405 0.75 15.74 -21.47
N THR B 406 -0.04 14.92 -22.18
CA THR B 406 -1.48 14.84 -21.99
C THR B 406 -1.77 14.00 -20.75
N ILE B 407 -2.55 14.53 -19.82
CA ILE B 407 -2.92 13.81 -18.62
C ILE B 407 -3.92 12.72 -18.98
N GLY B 408 -4.95 13.09 -19.74
CA GLY B 408 -5.96 12.12 -20.18
C GLY B 408 -6.86 11.67 -19.03
N ASP B 409 -7.45 10.49 -19.22
CA ASP B 409 -8.43 9.94 -18.30
C ASP B 409 -7.68 9.13 -17.23
N VAL B 410 -7.04 9.82 -16.29
CA VAL B 410 -6.26 9.14 -15.27
C VAL B 410 -7.19 8.58 -14.20
N ASP B 411 -6.80 7.42 -13.67
CA ASP B 411 -7.38 6.87 -12.47
C ASP B 411 -6.83 7.62 -11.26
N ILE B 412 -7.68 8.43 -10.60
CA ILE B 412 -7.22 9.29 -9.51
C ILE B 412 -7.21 8.51 -8.19
N GLN B 413 -7.63 7.24 -8.23
CA GLN B 413 -7.54 6.35 -7.08
C GLN B 413 -6.14 5.73 -6.98
N SER B 414 -5.39 5.71 -8.09
CA SER B 414 -4.03 5.18 -8.08
C SER B 414 -3.07 6.35 -8.20
N LYS B 415 -1.79 6.12 -7.90
CA LYS B 415 -0.80 7.18 -7.98
C LYS B 415 -0.32 7.31 -9.42
N TRP B 416 -0.20 8.56 -9.86
CA TRP B 416 0.24 8.86 -11.20
C TRP B 416 1.08 10.12 -11.17
N GLU B 417 1.83 10.29 -12.25
CA GLU B 417 2.78 11.38 -12.41
C GLU B 417 2.76 11.78 -13.87
N VAL B 418 2.46 13.06 -14.16
CA VAL B 418 2.54 13.55 -15.52
C VAL B 418 3.89 14.23 -15.72
N CYS B 419 4.55 13.89 -16.83
CA CYS B 419 5.79 14.55 -17.23
C CYS B 419 5.55 15.48 -18.41
N ARG B 420 6.14 16.68 -18.31
CA ARG B 420 6.08 17.68 -19.36
C ARG B 420 6.92 18.88 -18.97
N SER B 421 7.35 19.65 -19.97
CA SER B 421 8.03 20.92 -19.77
C SER B 421 6.97 22.02 -19.78
N ILE B 422 7.42 23.28 -19.77
CA ILE B 422 6.48 24.39 -19.85
C ILE B 422 5.97 24.57 -21.29
N SER B 423 6.52 23.86 -22.26
CA SER B 423 6.03 23.89 -23.63
C SER B 423 5.71 22.45 -24.04
N PRO B 424 5.33 22.17 -25.30
CA PRO B 424 5.27 20.78 -25.77
C PRO B 424 6.61 20.05 -25.81
N ALA B 425 7.72 20.78 -25.73
CA ALA B 425 9.04 20.26 -26.08
C ALA B 425 9.66 19.50 -24.92
N PHE B 426 9.99 18.23 -25.18
CA PHE B 426 10.86 17.44 -24.31
C PHE B 426 12.28 17.57 -24.82
N GLY B 427 13.11 18.33 -24.07
CA GLY B 427 14.42 18.74 -24.53
C GLY B 427 14.36 20.18 -25.04
N TYR B 428 15.53 20.82 -25.08
CA TYR B 428 15.64 22.24 -25.39
C TYR B 428 15.21 22.48 -26.83
N ASN B 429 14.33 23.47 -27.02
CA ASN B 429 13.99 23.98 -28.32
C ASN B 429 14.35 25.48 -28.35
N TRP B 430 15.34 25.84 -29.18
CA TRP B 430 15.85 27.20 -29.23
C TRP B 430 14.75 28.18 -29.66
N GLN B 431 13.70 27.65 -30.30
CA GLN B 431 12.57 28.46 -30.78
C GLN B 431 11.55 28.73 -29.69
N ASP B 432 11.55 27.96 -28.58
CA ASP B 432 10.52 28.09 -27.57
C ASP B 432 10.55 29.51 -27.01
N ASP B 433 9.35 30.06 -26.81
CA ASP B 433 9.17 31.47 -26.47
C ASP B 433 7.84 31.63 -25.73
N GLU B 434 7.43 32.91 -25.51
CA GLU B 434 6.22 33.20 -24.78
C GLU B 434 4.99 32.58 -25.44
N ALA B 435 4.97 32.57 -26.78
CA ALA B 435 3.83 32.06 -27.53
C ALA B 435 3.74 30.54 -27.44
N SER B 436 4.89 29.85 -27.25
CA SER B 436 4.88 28.39 -27.28
C SER B 436 4.75 27.78 -25.88
N SER B 437 4.97 28.59 -24.84
CA SER B 437 5.15 28.07 -23.48
C SER B 437 3.97 28.47 -22.58
N LEU B 438 3.66 27.62 -21.61
CA LEU B 438 2.74 28.01 -20.54
C LEU B 438 3.29 29.25 -19.83
N SER B 439 2.38 30.16 -19.44
CA SER B 439 2.70 31.22 -18.51
C SER B 439 2.91 30.65 -17.11
N GLY B 440 3.54 31.44 -16.23
CA GLY B 440 3.61 31.04 -14.83
C GLY B 440 2.23 30.75 -14.27
N GLU B 441 1.27 31.61 -14.64
CA GLU B 441 -0.11 31.47 -14.20
C GLU B 441 -0.68 30.10 -14.59
N GLU B 442 -0.54 29.76 -15.88
CA GLU B 442 -1.07 28.51 -16.39
C GLU B 442 -0.37 27.32 -15.72
N LEU B 443 0.95 27.43 -15.52
CA LEU B 443 1.70 26.34 -14.90
C LEU B 443 1.21 26.07 -13.48
N ILE B 444 1.03 27.12 -12.68
CA ILE B 444 0.62 26.98 -11.29
C ILE B 444 -0.79 26.39 -11.24
N LYS B 445 -1.70 26.87 -12.09
CA LYS B 445 -3.06 26.34 -12.08
C LYS B 445 -3.11 24.88 -12.51
N LEU B 446 -2.32 24.52 -13.51
CA LEU B 446 -2.24 23.13 -13.97
C LEU B 446 -1.70 22.25 -12.83
N PHE B 447 -0.64 22.73 -12.16
CA PHE B 447 -0.03 22.00 -11.05
C PHE B 447 -1.05 21.72 -9.94
N VAL B 448 -1.82 22.76 -9.54
CA VAL B 448 -2.82 22.60 -8.50
C VAL B 448 -3.86 21.56 -8.91
N ASP B 449 -4.30 21.59 -10.18
CA ASP B 449 -5.22 20.62 -10.75
C ASP B 449 -4.66 19.19 -10.59
N ILE B 450 -3.42 19.01 -11.03
CA ILE B 450 -2.73 17.74 -10.91
C ILE B 450 -2.76 17.24 -9.46
N VAL B 451 -2.33 18.08 -8.51
CA VAL B 451 -2.17 17.66 -7.13
C VAL B 451 -3.54 17.33 -6.49
N ALA B 452 -4.57 18.12 -6.78
CA ALA B 452 -5.92 17.83 -6.27
C ALA B 452 -6.44 16.48 -6.78
N ASN B 453 -5.90 16.01 -7.92
CA ASN B 453 -6.36 14.79 -8.57
C ASN B 453 -5.38 13.61 -8.35
N ASN B 454 -4.53 13.74 -7.32
CA ASN B 454 -3.66 12.68 -6.81
C ASN B 454 -2.38 12.53 -7.62
N GLY B 455 -2.13 13.44 -8.57
CA GLY B 455 -0.94 13.36 -9.40
C GLY B 455 0.28 14.04 -8.78
N ASN B 456 1.45 13.62 -9.28
CA ASN B 456 2.67 14.41 -9.18
C ASN B 456 2.90 15.03 -10.54
N LEU B 457 3.49 16.22 -10.54
CA LEU B 457 4.05 16.82 -11.75
C LEU B 457 5.56 16.58 -11.74
N LEU B 458 6.04 15.88 -12.76
CA LEU B 458 7.46 15.75 -13.00
C LEU B 458 7.81 16.73 -14.12
N LEU B 459 8.26 17.91 -13.68
CA LEU B 459 8.42 19.06 -14.55
C LEU B 459 9.77 18.97 -15.25
N VAL B 460 9.70 18.83 -16.56
CA VAL B 460 10.88 18.81 -17.42
C VAL B 460 11.49 20.19 -17.52
N ILE B 461 12.79 20.26 -17.26
CA ILE B 461 13.60 21.43 -17.58
C ILE B 461 14.69 21.02 -18.56
N SER B 462 14.92 21.89 -19.56
CA SER B 462 15.71 21.55 -20.73
C SER B 462 16.82 22.57 -20.94
N PRO B 463 18.07 22.32 -20.48
CA PRO B 463 19.19 23.22 -20.76
C PRO B 463 19.68 23.11 -22.20
N ASP B 464 20.48 24.11 -22.62
CA ASP B 464 21.15 24.09 -23.90
C ASP B 464 22.42 23.23 -23.79
N GLY B 465 23.20 23.19 -24.86
CA GLY B 465 24.37 22.35 -24.92
C GLY B 465 25.44 22.70 -23.88
N SER B 466 25.49 23.99 -23.48
CA SER B 466 26.47 24.45 -22.49
C SER B 466 26.02 24.07 -21.09
N GLY B 467 24.74 23.73 -20.93
CA GLY B 467 24.15 23.41 -19.64
C GLY B 467 23.39 24.58 -19.02
N LYS B 468 23.24 25.67 -19.76
CA LYS B 468 22.51 26.83 -19.29
C LYS B 468 21.02 26.61 -19.52
N LEU B 469 20.21 27.02 -18.54
CA LEU B 469 18.77 26.91 -18.68
C LEU B 469 18.24 28.17 -19.36
N PRO B 470 17.41 28.05 -20.41
CA PRO B 470 16.80 29.23 -21.05
C PRO B 470 16.07 30.10 -20.03
N ASP B 471 16.19 31.41 -20.24
CA ASP B 471 15.57 32.42 -19.38
C ASP B 471 14.07 32.21 -19.19
N ILE B 472 13.36 31.83 -20.26
CA ILE B 472 11.93 31.58 -20.13
C ILE B 472 11.62 30.45 -19.14
N GLN B 473 12.42 29.38 -19.12
CA GLN B 473 12.17 28.30 -18.16
C GLN B 473 12.52 28.80 -16.75
N LYS B 474 13.61 29.55 -16.61
CA LYS B 474 13.99 30.15 -15.33
C LYS B 474 12.83 30.99 -14.78
N ASP B 475 12.16 31.76 -15.66
CA ASP B 475 11.09 32.63 -15.24
C ASP B 475 9.91 31.83 -14.67
N ARG B 476 9.54 30.73 -15.35
CA ARG B 476 8.44 29.91 -14.87
C ARG B 476 8.78 29.26 -13.53
N LEU B 477 10.03 28.80 -13.38
CA LEU B 477 10.49 28.20 -12.13
C LEU B 477 10.51 29.24 -10.99
N LEU B 478 10.88 30.49 -11.29
N LEU B 478 10.87 30.48 -11.33
CA LEU B 478 10.83 31.56 -10.30
CA LEU B 478 10.85 31.60 -10.41
C LEU B 478 9.40 31.75 -9.81
C LEU B 478 9.42 31.79 -9.86
N GLU B 479 8.43 31.80 -10.74
CA GLU B 479 7.04 32.02 -10.37
C GLU B 479 6.50 30.84 -9.56
N LEU B 480 6.79 29.61 -10.01
CA LEU B 480 6.38 28.43 -9.27
C LEU B 480 7.01 28.42 -7.88
N GLY B 481 8.31 28.71 -7.78
CA GLY B 481 9.01 28.70 -6.50
C GLY B 481 8.44 29.74 -5.54
N ASP B 482 8.23 30.95 -6.06
CA ASP B 482 7.65 32.04 -5.25
C ASP B 482 6.26 31.64 -4.75
N TRP B 483 5.47 30.98 -5.61
CA TRP B 483 4.13 30.54 -5.24
C TRP B 483 4.21 29.46 -4.16
N MET B 484 5.17 28.54 -4.30
CA MET B 484 5.29 27.45 -3.35
C MET B 484 5.79 27.96 -1.99
N LYS B 485 6.62 29.01 -1.98
CA LYS B 485 7.07 29.59 -0.71
C LYS B 485 5.87 29.90 0.17
N VAL B 486 4.80 30.44 -0.41
CA VAL B 486 3.59 30.77 0.32
C VAL B 486 2.68 29.54 0.51
N ASN B 487 2.52 28.71 -0.53
CA ASN B 487 1.44 27.76 -0.64
C ASN B 487 1.84 26.30 -0.44
N ALA B 488 3.13 26.01 -0.27
CA ALA B 488 3.63 24.63 -0.28
C ALA B 488 2.93 23.72 0.73
N GLU B 489 2.50 24.25 1.89
CA GLU B 489 1.91 23.37 2.90
C GLU B 489 0.57 22.83 2.44
N SER B 490 -0.07 23.47 1.44
CA SER B 490 -1.32 23.00 0.84
C SER B 490 -1.11 22.01 -0.30
N ILE B 491 0.17 21.67 -0.59
CA ILE B 491 0.55 20.86 -1.72
C ILE B 491 1.32 19.64 -1.20
N HIS B 492 2.51 19.87 -0.65
CA HIS B 492 3.28 18.79 -0.04
C HIS B 492 2.47 18.13 1.07
N ASN B 493 2.58 16.79 1.15
CA ASN B 493 2.03 16.01 2.27
C ASN B 493 0.51 16.04 2.30
N THR B 494 -0.13 16.36 1.17
CA THR B 494 -1.58 16.38 1.08
C THR B 494 -2.08 15.19 0.28
N ARG B 495 -3.41 15.03 0.35
CA ARG B 495 -4.12 13.98 -0.35
C ARG B 495 -5.35 14.62 -1.00
N PRO B 496 -5.94 13.98 -2.03
CA PRO B 496 -7.23 14.41 -2.55
C PRO B 496 -8.31 14.41 -1.46
N TRP B 497 -9.26 15.34 -1.59
CA TRP B 497 -10.42 15.40 -0.71
C TRP B 497 -11.57 14.64 -1.38
N LYS B 498 -12.73 14.55 -0.68
CA LYS B 498 -13.93 13.89 -1.19
C LYS B 498 -14.41 14.54 -2.47
N VAL B 499 -14.13 15.84 -2.65
CA VAL B 499 -14.39 16.57 -3.87
C VAL B 499 -13.08 17.22 -4.29
N GLN B 500 -12.77 17.17 -5.59
CA GLN B 500 -11.48 17.65 -6.09
C GLN B 500 -11.60 19.08 -6.61
N LYS B 501 -12.75 19.38 -7.23
CA LYS B 501 -12.98 20.64 -7.89
C LYS B 501 -14.40 21.13 -7.58
N GLU B 502 -14.54 22.42 -7.28
CA GLU B 502 -15.83 23.10 -7.18
C GLU B 502 -15.70 24.44 -7.89
N ASN B 503 -16.29 24.55 -9.08
CA ASN B 503 -16.11 25.71 -9.95
C ASN B 503 -14.60 25.96 -10.12
N ASP B 504 -14.13 27.15 -9.71
CA ASP B 504 -12.75 27.55 -9.90
C ASP B 504 -11.87 27.10 -8.73
N LYS B 505 -12.41 26.31 -7.79
CA LYS B 505 -11.70 25.90 -6.58
C LYS B 505 -11.24 24.44 -6.68
N PHE B 506 -9.99 24.18 -6.25
CA PHE B 506 -9.43 22.85 -6.14
C PHE B 506 -9.10 22.57 -4.67
N PHE B 507 -9.39 21.35 -4.20
CA PHE B 507 -9.21 21.01 -2.81
C PHE B 507 -8.07 20.01 -2.63
N THR B 508 -7.32 20.19 -1.53
CA THR B 508 -6.50 19.12 -0.99
C THR B 508 -6.76 19.05 0.51
N LYS B 509 -6.35 17.94 1.13
CA LYS B 509 -6.43 17.84 2.57
C LYS B 509 -5.09 17.36 3.10
N SER B 510 -4.73 17.83 4.30
CA SER B 510 -3.55 17.35 4.98
C SER B 510 -3.70 15.84 5.19
N LYS B 511 -2.59 15.10 5.14
CA LYS B 511 -2.68 13.66 5.20
C LYS B 511 -3.29 13.24 6.55
N ASP B 512 -3.17 14.07 7.60
CA ASP B 512 -3.73 13.76 8.90
C ASP B 512 -5.22 14.11 9.03
N GLY B 513 -5.83 14.73 8.01
CA GLY B 513 -7.26 15.01 7.99
C GLY B 513 -7.67 16.34 8.65
N LYS B 514 -6.72 17.02 9.32
CA LYS B 514 -7.08 18.13 10.21
C LYS B 514 -7.11 19.48 9.49
N SER B 515 -6.67 19.54 8.21
CA SER B 515 -6.67 20.77 7.42
C SER B 515 -7.22 20.51 6.03
N LEU B 516 -8.16 21.37 5.60
CA LEU B 516 -8.66 21.39 4.25
C LEU B 516 -8.13 22.65 3.59
N PHE B 517 -7.58 22.50 2.38
CA PHE B 517 -7.01 23.60 1.62
C PHE B 517 -7.86 23.85 0.39
N VAL B 518 -8.31 25.11 0.24
CA VAL B 518 -9.16 25.52 -0.85
C VAL B 518 -8.35 26.44 -1.77
N HIS B 519 -8.02 25.94 -2.97
CA HIS B 519 -7.18 26.67 -3.92
C HIS B 519 -8.08 27.36 -4.93
N CYS B 520 -8.21 28.69 -4.77
CA CYS B 520 -9.04 29.50 -5.65
C CYS B 520 -8.21 29.96 -6.84
N THR B 521 -8.61 29.57 -8.05
CA THR B 521 -7.91 29.96 -9.27
C THR B 521 -8.43 31.30 -9.78
N ASN B 522 -9.54 31.77 -9.20
CA ASN B 522 -9.95 33.17 -9.32
C ASN B 522 -10.02 33.80 -7.93
N TRP B 523 -9.56 35.05 -7.81
CA TRP B 523 -9.69 35.78 -6.56
C TRP B 523 -11.18 35.84 -6.21
N PRO B 524 -11.63 35.35 -5.03
CA PRO B 524 -13.06 35.33 -4.70
C PRO B 524 -13.71 36.67 -4.32
N GLY B 525 -12.91 37.74 -4.20
CA GLY B 525 -13.42 39.08 -3.91
C GLY B 525 -13.76 39.26 -2.43
N GLU B 526 -14.96 39.81 -2.19
CA GLU B 526 -15.36 40.21 -0.85
C GLU B 526 -15.68 38.99 0.00
N ASN B 527 -16.11 37.90 -0.65
CA ASN B 527 -16.51 36.71 0.09
C ASN B 527 -16.00 35.46 -0.62
N LEU B 528 -15.50 34.52 0.19
CA LEU B 528 -15.31 33.16 -0.26
C LEU B 528 -16.50 32.33 0.19
N ILE B 529 -17.21 31.77 -0.79
CA ILE B 529 -18.35 30.91 -0.57
C ILE B 529 -18.01 29.51 -1.05
N ILE B 530 -18.16 28.52 -0.15
CA ILE B 530 -17.90 27.12 -0.45
C ILE B 530 -19.21 26.34 -0.32
N ASN B 531 -19.68 25.82 -1.46
CA ASN B 531 -20.90 25.03 -1.56
C ASN B 531 -20.73 23.63 -0.98
N THR B 532 -19.56 23.03 -1.20
CA THR B 532 -19.37 21.62 -0.84
C THR B 532 -19.51 21.50 0.67
N PRO B 533 -20.45 20.66 1.18
CA PRO B 533 -20.59 20.50 2.62
C PRO B 533 -19.28 20.13 3.32
N ILE B 534 -19.04 20.78 4.46
CA ILE B 534 -17.95 20.43 5.36
C ILE B 534 -18.58 19.98 6.68
N GLU B 535 -18.58 18.66 6.93
CA GLU B 535 -19.32 18.07 8.03
C GLU B 535 -18.71 18.51 9.36
N GLU B 536 -17.37 18.56 9.42
CA GLU B 536 -16.65 18.79 10.66
C GLU B 536 -16.74 20.26 11.04
N GLY B 537 -16.62 20.52 12.34
CA GLY B 537 -16.53 21.88 12.85
C GLY B 537 -15.21 22.53 12.46
N ILE B 538 -15.22 23.87 12.41
CA ILE B 538 -14.08 24.64 11.94
C ILE B 538 -13.44 25.37 13.12
N LYS B 539 -12.14 25.16 13.31
CA LYS B 539 -11.36 25.76 14.38
C LYS B 539 -10.84 27.13 13.93
N GLY B 540 -10.61 27.31 12.63
CA GLY B 540 -9.96 28.50 12.13
C GLY B 540 -9.75 28.45 10.62
N ILE B 541 -9.63 29.63 10.03
CA ILE B 541 -9.50 29.79 8.58
C ILE B 541 -8.48 30.89 8.36
N LYS B 542 -7.62 30.69 7.36
CA LYS B 542 -6.56 31.64 7.05
C LYS B 542 -6.27 31.56 5.56
N LEU B 543 -5.96 32.71 4.95
CA LEU B 543 -5.39 32.76 3.61
C LEU B 543 -3.88 32.62 3.70
N LEU B 544 -3.31 31.58 3.05
CA LEU B 544 -1.88 31.38 3.11
C LEU B 544 -1.20 32.61 2.50
N GLY B 545 -0.20 33.12 3.22
CA GLY B 545 0.46 34.37 2.86
C GLY B 545 0.07 35.52 3.79
N SER B 546 -0.99 35.33 4.59
N SER B 546 -0.94 35.29 4.62
CA SER B 546 -1.41 36.32 5.57
CA SER B 546 -1.41 36.29 5.57
C SER B 546 -1.61 35.67 6.93
C SER B 546 -1.51 35.63 6.94
N ASP B 547 -1.32 36.42 8.01
CA ASP B 547 -1.45 35.90 9.36
C ASP B 547 -2.85 36.21 9.93
N ILE B 548 -3.80 36.70 9.13
CA ILE B 548 -5.10 37.11 9.66
C ILE B 548 -6.03 35.89 9.81
N ASN B 549 -6.63 35.70 11.00
CA ASN B 549 -7.62 34.64 11.13
C ASN B 549 -8.95 35.18 10.60
N LEU B 550 -9.58 34.41 9.72
CA LEU B 550 -10.76 34.85 9.01
C LEU B 550 -11.98 34.32 9.75
N GLN B 551 -13.02 35.15 9.82
CA GLN B 551 -14.28 34.76 10.43
C GLN B 551 -15.11 34.07 9.36
N PHE B 552 -16.11 33.31 9.82
CA PHE B 552 -16.96 32.55 8.93
C PHE B 552 -18.34 32.42 9.57
N THR B 553 -19.35 32.24 8.72
CA THR B 553 -20.65 31.79 9.15
C THR B 553 -21.13 30.73 8.17
N LYS B 554 -21.95 29.79 8.67
CA LYS B 554 -22.63 28.81 7.84
C LYS B 554 -24.03 29.35 7.54
N ALA B 555 -24.31 29.60 6.26
CA ALA B 555 -25.62 30.07 5.81
C ALA B 555 -26.67 28.98 6.05
N SER B 556 -27.94 29.28 5.76
CA SER B 556 -29.02 28.32 6.00
C SER B 556 -29.09 27.27 4.90
N ASN B 557 -28.60 27.59 3.68
CA ASN B 557 -28.58 26.62 2.59
C ASN B 557 -27.41 25.64 2.80
N GLY B 558 -26.47 25.98 3.70
CA GLY B 558 -25.40 25.07 4.06
C GLY B 558 -24.01 25.64 3.77
N ASN B 559 -23.97 26.62 2.84
CA ASN B 559 -22.73 27.19 2.33
C ASN B 559 -21.89 27.80 3.47
N LEU B 560 -20.56 27.65 3.35
CA LEU B 560 -19.64 28.34 4.23
C LEU B 560 -19.34 29.70 3.62
N GLU B 561 -19.49 30.75 4.43
CA GLU B 561 -19.33 32.13 3.98
C GLU B 561 -18.17 32.72 4.75
N ILE B 562 -17.15 33.17 4.03
CA ILE B 562 -15.92 33.63 4.65
C ILE B 562 -15.64 35.03 4.12
N PRO B 563 -16.02 36.09 4.87
CA PRO B 563 -15.66 37.46 4.48
C PRO B 563 -14.14 37.64 4.35
N ILE B 564 -13.74 38.31 3.27
CA ILE B 564 -12.34 38.57 2.96
C ILE B 564 -12.00 40.01 3.33
N PRO B 565 -10.97 40.25 4.17
CA PRO B 565 -10.57 41.61 4.54
C PRO B 565 -10.50 42.61 3.40
N LYS B 566 -11.05 43.81 3.67
CA LYS B 566 -10.99 44.91 2.73
C LYS B 566 -9.55 45.16 2.27
N ASP B 567 -8.57 45.00 3.18
CA ASP B 567 -7.18 45.34 2.88
C ASP B 567 -6.56 44.37 1.87
N PHE B 568 -7.18 43.20 1.66
CA PHE B 568 -6.72 42.23 0.67
C PHE B 568 -7.23 42.52 -0.75
N GLN B 569 -8.28 43.35 -0.87
CA GLN B 569 -9.06 43.43 -2.11
C GLN B 569 -8.36 44.22 -3.22
N ASN B 570 -7.60 45.25 -2.87
CA ASN B 570 -7.03 46.11 -3.90
C ASN B 570 -5.95 45.35 -4.68
N ASN B 571 -5.15 44.52 -3.98
CA ASN B 571 -3.98 43.91 -4.61
C ASN B 571 -3.75 42.54 -3.96
N PRO B 572 -4.66 41.58 -4.19
CA PRO B 572 -4.50 40.25 -3.60
C PRO B 572 -3.29 39.48 -4.13
N SER B 573 -2.83 39.86 -5.33
CA SER B 573 -1.67 39.23 -5.96
C SER B 573 -0.40 39.46 -5.15
N LEU B 574 -0.38 40.49 -4.30
CA LEU B 574 0.75 40.72 -3.40
C LEU B 574 0.90 39.56 -2.42
N ILE B 575 -0.23 38.97 -2.00
CA ILE B 575 -0.23 37.92 -0.99
C ILE B 575 0.21 36.60 -1.64
N SER B 576 -0.42 36.29 -2.78
CA SER B 576 -0.16 35.09 -3.57
C SER B 576 -0.56 35.39 -5.00
N LYS B 577 0.27 35.04 -5.99
CA LYS B 577 -0.08 35.24 -7.39
C LYS B 577 -0.89 34.06 -7.92
N TYR B 578 -1.91 34.37 -8.75
CA TYR B 578 -2.60 33.43 -9.65
C TYR B 578 -3.61 32.55 -8.93
N VAL B 579 -3.17 31.89 -7.84
CA VAL B 579 -4.00 31.01 -7.05
C VAL B 579 -3.85 31.39 -5.59
N TRP B 580 -5.02 31.54 -4.92
CA TRP B 580 -5.11 31.89 -3.52
C TRP B 580 -5.57 30.70 -2.71
N THR B 581 -4.78 30.32 -1.70
CA THR B 581 -5.12 29.11 -0.95
C THR B 581 -5.58 29.43 0.46
N PHE B 582 -6.79 28.95 0.78
CA PHE B 582 -7.32 29.13 2.13
C PHE B 582 -7.17 27.82 2.89
N LYS B 583 -6.57 27.90 4.07
CA LYS B 583 -6.42 26.79 4.98
C LYS B 583 -7.57 26.81 6.01
N ILE B 584 -8.39 25.76 6.00
CA ILE B 584 -9.46 25.57 6.98
C ILE B 584 -9.04 24.47 7.96
N ASP B 585 -8.84 24.84 9.22
CA ASP B 585 -8.49 23.91 10.29
C ASP B 585 -9.77 23.31 10.86
N LEU B 586 -9.82 21.96 10.95
CA LEU B 586 -11.02 21.26 11.36
C LEU B 586 -10.86 20.70 12.77
N ASN B 587 -12.00 20.31 13.38
CA ASN B 587 -12.03 19.61 14.66
C ASN B 587 -11.96 18.10 14.41
O1 Z8T C . -10.58 -8.99 24.21
C1 Z8T C . -11.64 -9.88 24.10
O5 Z8T C . -11.92 -10.02 22.69
C5 Z8T C . -12.96 -10.94 22.33
C4 Z8T C . -12.85 -12.30 23.04
C3 Z8T C . -12.59 -12.14 24.55
C2 Z8T C . -11.35 -11.24 24.78
O2 Z8T C . -10.95 -11.00 26.13
O3 Z8T C . -12.47 -13.43 25.14
O4 Z8T C . -14.09 -13.02 22.82
C6 Z8T C . -12.87 -11.08 20.84
O6 Z8T C . -14.00 -10.46 20.21
NA NA D . -0.38 2.51 9.13
C1 GOL E . 7.90 -13.39 33.63
O1 GOL E . 8.71 -14.21 32.81
C2 GOL E . 8.24 -11.94 33.46
O2 GOL E . 9.59 -11.68 33.82
C3 GOL E . 7.98 -11.45 32.05
O3 GOL E . 8.03 -10.03 32.01
C1 GOL F . -21.64 -27.47 11.56
O1 GOL F . -21.72 -27.99 12.89
C2 GOL F . -20.39 -27.98 10.88
O2 GOL F . -19.71 -26.88 10.26
C3 GOL F . -19.47 -28.70 11.83
O3 GOL F . -18.16 -28.87 11.29
C1 CIT G . 11.56 -14.72 6.83
O1 CIT G . 10.71 -14.63 5.91
O2 CIT G . 12.60 -14.01 6.90
C2 CIT G . 11.38 -15.78 7.90
C3 CIT G . 12.63 -16.64 8.17
O7 CIT G . 13.71 -15.82 8.56
C4 CIT G . 12.35 -17.61 9.34
C5 CIT G . 13.54 -18.47 9.73
O3 CIT G . 14.43 -18.65 8.89
O4 CIT G . 13.59 -18.92 10.89
C6 CIT G . 12.99 -17.42 6.87
O5 CIT G . 13.82 -16.88 6.09
O6 CIT G . 12.43 -18.52 6.65
O1 Z8T H . 9.31 7.93 -23.73
C1 Z8T H . 9.73 9.22 -23.88
O5 Z8T H . 9.73 9.78 -22.56
C5 Z8T H . 10.08 11.17 -22.47
C4 Z8T H . 11.35 11.54 -23.24
C3 Z8T H . 11.36 10.91 -24.63
C2 Z8T H . 11.10 9.40 -24.53
O2 Z8T H . 11.14 8.68 -25.78
O3 Z8T H . 12.58 11.20 -25.29
O4 Z8T H . 11.32 12.98 -23.31
C6 Z8T H . 10.23 11.45 -21.01
O6 Z8T H . 8.95 11.87 -20.50
NA NA I . 2.43 -2.13 -6.30
C1 GOL J . 19.31 -9.09 -27.31
O1 GOL J . 18.22 -9.99 -27.25
C2 GOL J . 20.56 -9.73 -27.85
O2 GOL J . 20.32 -10.86 -28.69
C3 GOL J . 21.39 -8.75 -28.60
O3 GOL J . 22.70 -8.79 -28.09
C1 GOL K . 23.26 26.71 -14.44
O1 GOL K . 23.92 25.76 -13.61
C2 GOL K . 21.77 26.84 -14.13
O2 GOL K . 21.52 26.75 -12.74
C3 GOL K . 21.18 28.13 -14.66
O3 GOL K . 21.27 28.17 -16.08
C1 GOL L . 16.38 6.21 -39.70
O1 GOL L . 16.40 5.82 -41.07
C2 GOL L . 17.23 5.38 -38.75
O2 GOL L . 16.97 3.97 -38.79
C3 GOL L . 18.72 5.63 -38.92
O3 GOL L . 19.42 5.43 -37.69
C1 PEG M . 38.65 -10.60 -29.44
O1 PEG M . 38.96 -9.62 -30.40
C2 PEG M . 37.24 -10.48 -28.96
O2 PEG M . 37.22 -10.44 -27.53
C3 PEG M . 36.56 -11.55 -26.94
C4 PEG M . 35.10 -11.28 -26.76
O4 PEG M . 34.30 -12.19 -27.48
#